data_8TCG
#
_entry.id   8TCG
#
loop_
_entity.id
_entity.type
_entity.pdbx_description
1 polymer 'Integrin alpha-V heavy chain'
2 polymer 'Integrin beta-6'
3 polymer 'Minibinder B6_BP_dslf'
4 branched alpha-D-mannopyranose-(1-6)-beta-D-mannopyranose-(1-4)-2-acetamido-2-deoxy-beta-D-glucopyranose-(1-4)-2-acetamido-2-deoxy-beta-D-glucopyranose
5 non-polymer 'CALCIUM ION'
6 non-polymer 2-acetamido-2-deoxy-beta-D-glucopyranose
7 non-polymer 'MANGANESE (II) ION'
#
loop_
_entity_poly.entity_id
_entity_poly.type
_entity_poly.pdbx_seq_one_letter_code
_entity_poly.pdbx_strand_id
1 'polypeptide(L)'
;FNLDVDSPAEYSGPEGSYFGFAVDFFVPSASSRMFLLVGAPKANTTQPGIVEGGQVLKCDWSSTRRCQPIEFDATGNRDY
AKDDPLEFKSHQWFGASVRSKQDKILACAPLYHWRTEMKQEREPVGTCFLQDGTKTVEYAPCRSQDIDADGQGFCQGGFS
IDFTKADRVLLGGPGSFYWQGQLISDQVAEIVSKYDPNVYSIKYNNQLATRTAQAIFDDSYLGYSVAVGDFNGDGIDDFV
SGVPRAARTLGMVYIYDGKNMSSLYNFTGEQMAAYFGFSVAATDINGDDYADVFIGAPLFMDRGSDGKLQEVGQVSVSLQ
RASGDFQTTKLNGFEVFARFGSAIAPLGDLDQDGFNDIAIAAPYGGEDKKGIVYIFNGRSTGLNAVPSQILEGQWAARSG
CPPSFGYSMKGATDIDKNGYPDLIVGAFGVDRAILYRARP
;
A
2 'polypeptide(L)'
;DYPVDLYYLMDLSASMDDDLNTIKELGSRLSKEMSKLTSNFRLGFGSFVEKPVSPFVKTTPEEIANPCSSIPYFCLPTFG
FKHILPLTNDAERFNEIVKNQKISANIDTPEGGFDAIMQAAVCKEKIGWRNDSLHLLVFVSDADSHFGMDSKLAGIVCPN
DGLCHLDSKNEYSMSTVLEYPTIGQLIDKLVQNNVLLIFAVTQEQVHLYENYAKLIPGATVGLLQKDSGNILQLIISAYE
EL
;
B
3 'polypeptide(L)' CVVRFVFRGDLAELMLRAVKDHLKKEGPHWNITSTNNGKELVVRGIHESDAKRIAKWVEKRFPRVHTETQCD C
#
loop_
_chem_comp.id
_chem_comp.type
_chem_comp.name
_chem_comp.formula
BMA D-saccharide, beta linking beta-D-mannopyranose 'C6 H12 O6'
CA non-polymer 'CALCIUM ION' 'Ca 2'
MAN D-saccharide, alpha linking alpha-D-mannopyranose 'C6 H12 O6'
MN non-polymer 'MANGANESE (II) ION' 'Mn 2'
NAG D-saccharide, beta linking 2-acetamido-2-deoxy-beta-D-glucopyranose 'C8 H15 N O6'
#
# COMPACT_ATOMS: atom_id res chain seq x y z
N PHE A 1 29.65 7.05 -11.92
CA PHE A 1 30.47 8.27 -11.91
C PHE A 1 30.52 9.02 -13.26
N ASN A 2 29.96 8.41 -14.32
CA ASN A 2 30.00 8.94 -15.69
C ASN A 2 28.65 9.41 -16.26
N LEU A 3 27.72 9.88 -15.44
CA LEU A 3 26.51 10.44 -16.03
C LEU A 3 26.68 11.93 -16.31
N ASP A 4 26.16 12.37 -17.44
CA ASP A 4 26.16 13.78 -17.78
C ASP A 4 24.93 14.42 -17.19
N VAL A 5 25.15 15.19 -16.14
CA VAL A 5 24.09 15.78 -15.37
C VAL A 5 24.07 17.29 -15.63
N ASP A 6 24.95 17.73 -16.52
CA ASP A 6 25.08 19.15 -16.79
C ASP A 6 24.13 19.63 -17.87
N SER A 7 23.88 18.78 -18.86
CA SER A 7 22.95 19.17 -19.92
C SER A 7 22.07 18.00 -20.38
N PRO A 8 21.20 17.50 -19.50
CA PRO A 8 20.31 16.38 -19.71
C PRO A 8 19.18 16.78 -20.64
N ALA A 9 18.49 15.81 -21.23
CA ALA A 9 17.33 16.12 -22.05
C ALA A 9 16.07 16.08 -21.20
N GLU A 10 15.48 17.25 -21.01
CA GLU A 10 14.31 17.41 -20.16
C GLU A 10 13.04 17.44 -20.97
N TYR A 11 12.11 16.57 -20.62
CA TYR A 11 10.82 16.47 -21.28
C TYR A 11 9.71 16.84 -20.31
N SER A 12 8.62 17.39 -20.82
CA SER A 12 7.51 17.77 -19.96
C SER A 12 6.15 17.43 -20.54
N GLY A 13 5.17 17.24 -19.67
CA GLY A 13 3.81 16.97 -20.11
C GLY A 13 2.83 18.02 -19.60
N PRO A 14 1.52 17.80 -19.78
CA PRO A 14 0.43 18.65 -19.35
C PRO A 14 0.45 18.78 -17.84
N GLU A 15 0.19 19.96 -17.33
CA GLU A 15 0.24 20.12 -15.89
C GLU A 15 -0.79 19.28 -15.20
N GLY A 16 -0.40 18.67 -14.08
CA GLY A 16 -1.30 17.88 -13.26
C GLY A 16 -1.41 16.44 -13.74
N SER A 17 -0.76 16.13 -14.86
CA SER A 17 -0.84 14.79 -15.45
C SER A 17 0.08 13.78 -14.77
N TYR A 18 1.01 14.26 -13.95
CA TYR A 18 2.03 13.42 -13.34
C TYR A 18 2.92 12.83 -14.43
N PHE A 19 3.22 13.65 -15.42
CA PHE A 19 4.11 13.22 -16.47
C PHE A 19 5.43 12.88 -15.82
N GLY A 20 5.96 11.71 -16.14
CA GLY A 20 7.21 11.29 -15.53
C GLY A 20 6.99 10.33 -14.36
N PHE A 21 5.74 9.99 -14.09
CA PHE A 21 5.38 9.06 -13.01
C PHE A 21 6.06 7.71 -13.21
N ALA A 22 6.12 7.26 -14.46
CA ALA A 22 6.75 5.99 -14.80
C ALA A 22 7.48 6.12 -16.12
N VAL A 23 8.68 5.53 -16.20
CA VAL A 23 9.46 5.62 -17.43
C VAL A 23 10.05 4.28 -17.87
N ASP A 24 10.35 4.20 -19.17
CA ASP A 24 11.09 3.09 -19.77
C ASP A 24 11.67 3.52 -21.12
N PHE A 25 12.37 2.63 -21.79
CA PHE A 25 12.89 2.89 -23.13
C PHE A 25 12.14 2.07 -24.17
N PHE A 26 12.01 2.63 -25.36
CA PHE A 26 11.42 1.89 -26.47
C PHE A 26 12.47 1.64 -27.54
N VAL A 27 12.66 0.37 -27.88
CA VAL A 27 13.67 -0.01 -28.85
C VAL A 27 13.08 -0.88 -29.97
N PRO A 28 12.49 -0.25 -30.98
CA PRO A 28 11.81 -0.89 -32.09
C PRO A 28 12.80 -1.66 -32.92
N SER A 29 12.32 -2.68 -33.62
CA SER A 29 13.15 -3.58 -34.42
C SER A 29 13.88 -2.90 -35.57
N ALA A 30 14.98 -3.54 -35.97
CA ALA A 30 15.85 -3.10 -37.07
C ALA A 30 16.57 -1.82 -36.69
N SER A 31 17.22 -1.19 -37.65
CA SER A 31 17.97 0.03 -37.39
C SER A 31 17.02 1.22 -37.29
N SER A 32 16.17 1.17 -36.29
CA SER A 32 15.16 2.18 -36.05
C SER A 32 15.65 3.18 -35.02
N ARG A 33 14.97 4.30 -34.91
CA ARG A 33 15.34 5.29 -33.92
C ARG A 33 14.85 4.89 -32.54
N MET A 34 15.61 5.29 -31.52
CA MET A 34 15.24 5.03 -30.14
C MET A 34 14.28 6.08 -29.61
N PHE A 35 13.36 5.65 -28.77
CA PHE A 35 12.40 6.55 -28.15
C PHE A 35 12.30 6.34 -26.66
N LEU A 36 11.80 7.36 -25.96
CA LEU A 36 11.58 7.24 -24.54
C LEU A 36 10.10 7.04 -24.29
N LEU A 37 9.76 6.20 -23.33
CA LEU A 37 8.37 6.01 -22.97
C LEU A 37 8.07 6.65 -21.64
N VAL A 38 7.21 7.65 -21.64
CA VAL A 38 6.91 8.32 -20.39
C VAL A 38 5.43 8.27 -20.08
N GLY A 39 5.11 7.77 -18.91
CA GLY A 39 3.74 7.68 -18.47
C GLY A 39 3.27 9.03 -17.92
N ALA A 40 1.96 9.23 -17.97
CA ALA A 40 1.30 10.42 -17.45
C ALA A 40 -0.13 10.05 -17.05
N PRO A 41 -0.32 9.39 -15.90
CA PRO A 41 -1.54 8.73 -15.46
C PRO A 41 -2.72 9.68 -15.26
N LYS A 42 -2.47 10.96 -15.08
CA LYS A 42 -3.60 11.88 -14.90
C LYS A 42 -3.81 12.75 -16.12
N ALA A 43 -3.20 12.39 -17.24
CA ALA A 43 -3.40 13.19 -18.44
C ALA A 43 -4.87 13.18 -18.82
N ASN A 44 -5.41 14.34 -19.23
CA ASN A 44 -6.83 14.41 -19.58
C ASN A 44 -7.16 13.65 -20.86
N THR A 45 -6.25 13.66 -21.85
CA THR A 45 -6.38 12.97 -23.16
C THR A 45 -7.56 13.50 -23.96
N THR A 46 -7.82 12.87 -25.09
CA THR A 46 -8.93 13.23 -25.96
C THR A 46 -9.98 12.14 -26.03
N GLN A 47 -9.94 11.21 -25.08
CA GLN A 47 -10.87 10.09 -25.06
C GLN A 47 -12.28 10.56 -24.68
N PRO A 48 -13.29 10.40 -25.56
CA PRO A 48 -14.64 10.86 -25.35
C PRO A 48 -15.25 10.33 -24.06
N GLY A 49 -15.79 11.22 -23.26
CA GLY A 49 -16.48 10.83 -22.03
C GLY A 49 -15.54 10.50 -20.88
N ILE A 50 -14.24 10.68 -21.09
CA ILE A 50 -13.26 10.32 -20.08
C ILE A 50 -12.45 11.50 -19.58
N VAL A 51 -12.35 11.60 -18.26
CA VAL A 51 -11.58 12.67 -17.62
C VAL A 51 -10.37 12.09 -16.92
N GLU A 52 -9.21 12.71 -17.13
CA GLU A 52 -7.97 12.28 -16.48
C GLU A 52 -7.80 10.77 -16.59
N GLY A 53 -8.01 10.23 -17.79
CA GLY A 53 -7.88 8.79 -18.02
C GLY A 53 -6.43 8.31 -17.96
N GLY A 54 -5.49 9.18 -18.30
CA GLY A 54 -4.08 8.81 -18.33
C GLY A 54 -3.64 8.38 -19.72
N GLN A 55 -2.37 8.61 -20.01
CA GLN A 55 -1.80 8.21 -21.28
C GLN A 55 -0.30 7.99 -21.17
N VAL A 56 0.25 7.36 -22.19
CA VAL A 56 1.68 7.16 -22.30
C VAL A 56 2.14 7.89 -23.53
N LEU A 57 3.23 8.62 -23.42
CA LEU A 57 3.72 9.37 -24.57
C LEU A 57 5.07 8.87 -25.03
N LYS A 58 5.26 8.89 -26.34
CA LYS A 58 6.52 8.51 -26.94
C LYS A 58 7.31 9.79 -27.21
N CYS A 59 8.46 9.94 -26.54
CA CYS A 59 9.29 11.15 -26.61
C CYS A 59 10.53 10.89 -27.47
N ASP A 60 10.81 11.78 -28.41
CA ASP A 60 11.93 11.58 -29.31
C ASP A 60 13.27 12.10 -28.80
N TRP A 61 14.25 11.21 -28.74
CA TRP A 61 15.60 11.56 -28.38
C TRP A 61 16.41 12.26 -29.48
N SER A 62 16.17 11.92 -30.75
CA SER A 62 17.10 12.36 -31.79
C SER A 62 17.14 13.87 -31.98
N SER A 63 16.00 14.53 -31.86
CA SER A 63 15.91 15.97 -32.03
C SER A 63 14.55 16.46 -31.58
N THR A 64 14.34 17.77 -31.67
CA THR A 64 13.05 18.41 -31.44
C THR A 64 12.56 18.37 -29.99
N ARG A 65 12.60 17.18 -29.38
CA ARG A 65 12.23 16.91 -28.00
C ARG A 65 10.74 17.05 -27.70
N ARG A 66 9.90 16.72 -28.67
CA ARG A 66 8.46 16.70 -28.46
C ARG A 66 8.01 15.29 -28.10
N CYS A 67 6.87 15.18 -27.38
CA CYS A 67 6.27 13.91 -26.97
C CYS A 67 4.85 13.79 -27.54
N GLN A 68 4.52 12.60 -28.03
CA GLN A 68 3.18 12.35 -28.55
C GLN A 68 2.54 11.15 -27.88
N PRO A 69 1.25 11.19 -27.55
CA PRO A 69 0.49 10.09 -26.99
C PRO A 69 0.51 8.87 -27.89
N ILE A 70 0.60 7.70 -27.27
CA ILE A 70 0.53 6.45 -27.99
C ILE A 70 -0.92 6.01 -28.02
N GLU A 71 -1.44 5.76 -29.21
CA GLU A 71 -2.85 5.45 -29.35
C GLU A 71 -3.19 4.01 -28.97
N PHE A 72 -3.12 3.73 -27.68
CA PHE A 72 -3.47 2.41 -27.16
C PHE A 72 -4.97 2.25 -27.14
N ASP A 73 -5.64 3.35 -26.79
CA ASP A 73 -7.08 3.38 -26.61
C ASP A 73 -7.62 4.76 -26.94
N ALA A 74 -8.41 4.86 -28.01
CA ALA A 74 -8.93 6.15 -28.44
C ALA A 74 -10.44 6.20 -28.38
N THR A 75 -11.03 5.39 -27.53
CA THR A 75 -12.49 5.37 -27.44
C THR A 75 -12.95 5.76 -26.04
N GLY A 76 -14.26 5.86 -25.88
CA GLY A 76 -14.85 6.18 -24.60
C GLY A 76 -15.14 4.89 -23.85
N ASN A 77 -15.98 4.96 -22.83
CA ASN A 77 -16.29 3.79 -22.05
C ASN A 77 -17.31 2.94 -22.79
N ARG A 78 -17.07 1.63 -22.86
CA ARG A 78 -18.05 0.71 -23.44
C ARG A 78 -19.21 0.50 -22.49
N ASP A 79 -20.38 0.25 -23.04
CA ASP A 79 -21.56 -0.07 -22.24
C ASP A 79 -21.73 -1.55 -22.04
N TYR A 80 -22.39 -1.90 -20.95
CA TYR A 80 -22.83 -3.27 -20.72
C TYR A 80 -24.22 -3.41 -21.28
N ALA A 81 -25.01 -2.39 -21.01
CA ALA A 81 -26.41 -2.32 -21.42
C ALA A 81 -26.78 -0.87 -21.60
N LYS A 82 -27.91 -0.60 -22.22
CA LYS A 82 -28.33 0.78 -22.40
C LYS A 82 -28.21 1.55 -21.11
N ASP A 83 -27.49 2.67 -21.16
CA ASP A 83 -27.28 3.55 -20.02
C ASP A 83 -26.74 2.82 -18.80
N ASP A 84 -25.86 1.85 -19.02
CA ASP A 84 -25.25 1.08 -17.95
C ASP A 84 -23.81 0.76 -18.36
N PRO A 85 -22.85 1.64 -18.02
CA PRO A 85 -21.44 1.58 -18.37
C PRO A 85 -20.81 0.29 -17.91
N LEU A 86 -19.98 -0.31 -18.75
CA LEU A 86 -19.29 -1.55 -18.43
C LEU A 86 -17.99 -1.28 -17.71
N GLU A 87 -17.36 -0.19 -18.07
CA GLU A 87 -16.04 0.13 -17.58
C GLU A 87 -15.91 1.60 -17.24
N PHE A 88 -15.02 1.90 -16.32
CA PHE A 88 -14.80 3.27 -15.90
C PHE A 88 -13.33 3.66 -16.05
N LYS A 89 -13.03 4.35 -17.15
CA LYS A 89 -11.66 4.72 -17.43
C LYS A 89 -11.27 6.07 -16.85
N SER A 90 -12.25 6.84 -16.40
CA SER A 90 -11.91 8.11 -15.81
C SER A 90 -11.11 7.85 -14.57
N HIS A 91 -10.00 8.57 -14.42
CA HIS A 91 -9.12 8.43 -13.28
C HIS A 91 -8.56 7.01 -13.11
N GLN A 92 -8.41 6.26 -14.20
CA GLN A 92 -7.86 4.90 -14.11
C GLN A 92 -6.36 4.89 -13.93
N TRP A 93 -5.72 6.03 -14.18
CA TRP A 93 -4.28 6.18 -14.13
C TRP A 93 -3.56 5.32 -15.16
N PHE A 94 -4.05 5.32 -16.38
CA PHE A 94 -3.37 4.57 -17.41
C PHE A 94 -2.04 5.20 -17.70
N GLY A 95 -1.00 4.40 -17.71
CA GLY A 95 0.34 4.91 -17.93
C GLY A 95 1.11 4.98 -16.63
N ALA A 96 0.44 4.65 -15.53
CA ALA A 96 1.10 4.63 -14.21
C ALA A 96 2.23 3.62 -14.20
N SER A 97 2.15 2.62 -15.06
CA SER A 97 3.21 1.64 -15.20
C SER A 97 3.39 1.31 -16.67
N VAL A 98 4.63 1.42 -17.13
CA VAL A 98 4.97 1.14 -18.52
C VAL A 98 6.25 0.30 -18.60
N ARG A 99 6.21 -0.77 -19.39
CA ARG A 99 7.39 -1.59 -19.66
C ARG A 99 7.52 -1.89 -21.14
N SER A 100 8.74 -2.16 -21.60
CA SER A 100 8.89 -2.55 -22.98
C SER A 100 9.97 -3.58 -23.23
N LYS A 101 9.65 -4.51 -24.10
CA LYS A 101 10.54 -5.57 -24.55
C LYS A 101 10.68 -5.48 -26.05
N GLN A 102 11.87 -5.15 -26.53
CA GLN A 102 12.05 -4.95 -27.96
C GLN A 102 11.01 -3.96 -28.47
N ASP A 103 10.16 -4.39 -29.39
CA ASP A 103 9.16 -3.52 -29.97
C ASP A 103 7.77 -3.69 -29.36
N LYS A 104 7.69 -4.39 -28.24
CA LYS A 104 6.43 -4.59 -27.53
C LYS A 104 6.26 -3.59 -26.39
N ILE A 105 5.15 -2.85 -26.36
CA ILE A 105 4.95 -1.89 -25.28
C ILE A 105 3.79 -2.29 -24.39
N LEU A 106 4.08 -2.47 -23.11
CA LEU A 106 3.06 -2.84 -22.14
C LEU A 106 2.77 -1.70 -21.18
N ALA A 107 1.54 -1.23 -21.19
CA ALA A 107 1.15 -0.14 -20.29
C ALA A 107 -0.13 -0.52 -19.58
N CYS A 108 -0.27 -0.13 -18.29
CA CYS A 108 -1.40 -0.53 -17.47
C CYS A 108 -2.05 0.64 -16.72
N ALA A 109 -3.26 0.35 -16.21
CA ALA A 109 -4.08 1.27 -15.42
C ALA A 109 -4.54 0.61 -14.11
N PRO A 110 -3.74 0.72 -13.04
CA PRO A 110 -3.93 0.11 -11.73
C PRO A 110 -5.21 0.55 -11.00
N LEU A 111 -5.79 1.67 -11.40
CA LEU A 111 -7.01 2.13 -10.74
C LEU A 111 -8.22 2.04 -11.64
N TYR A 112 -8.10 1.27 -12.71
CA TYR A 112 -9.22 1.01 -13.60
C TYR A 112 -10.34 0.26 -12.91
N HIS A 113 -11.57 0.74 -13.04
CA HIS A 113 -12.69 0.03 -12.44
C HIS A 113 -13.55 -0.60 -13.49
N TRP A 114 -14.12 -1.75 -13.16
CA TRP A 114 -14.95 -2.51 -14.06
C TRP A 114 -16.23 -3.00 -13.42
N ARG A 115 -17.28 -3.03 -14.22
CA ARG A 115 -18.57 -3.51 -13.79
C ARG A 115 -18.66 -5.00 -13.93
N THR A 116 -18.82 -5.68 -12.82
CA THR A 116 -18.95 -7.11 -12.84
C THR A 116 -20.16 -7.46 -13.66
N GLU A 117 -20.03 -8.41 -14.58
CA GLU A 117 -21.17 -8.74 -15.42
C GLU A 117 -22.41 -9.08 -14.60
N MET A 118 -22.21 -9.78 -13.49
CA MET A 118 -23.28 -10.26 -12.62
C MET A 118 -24.18 -9.17 -12.04
N LYS A 119 -23.57 -8.07 -11.57
CA LYS A 119 -24.31 -7.00 -10.88
C LYS A 119 -23.73 -5.62 -11.17
N GLN A 120 -24.49 -4.57 -10.87
CA GLN A 120 -24.00 -3.20 -11.12
C GLN A 120 -23.02 -2.73 -10.07
N GLU A 121 -21.86 -3.36 -10.07
CA GLU A 121 -20.77 -3.10 -9.15
C GLU A 121 -19.70 -2.23 -9.81
N ARG A 122 -18.71 -1.81 -9.04
CA ARG A 122 -17.60 -1.05 -9.59
C ARG A 122 -16.31 -1.43 -8.87
N GLU A 123 -15.56 -2.40 -9.41
CA GLU A 123 -14.38 -2.86 -8.68
C GLU A 123 -13.07 -2.56 -9.41
N PRO A 124 -12.00 -2.21 -8.67
CA PRO A 124 -10.67 -1.87 -9.16
C PRO A 124 -9.87 -3.10 -9.55
N VAL A 125 -10.32 -3.76 -10.62
CA VAL A 125 -9.68 -4.98 -11.09
C VAL A 125 -8.36 -4.70 -11.77
N GLY A 126 -8.25 -3.55 -12.44
CA GLY A 126 -7.05 -3.20 -13.17
C GLY A 126 -7.11 -3.70 -14.61
N THR A 127 -6.41 -3.01 -15.51
CA THR A 127 -6.35 -3.46 -16.91
C THR A 127 -5.03 -3.04 -17.56
N CYS A 128 -4.57 -3.82 -18.56
CA CYS A 128 -3.36 -3.53 -19.32
C CYS A 128 -3.59 -3.56 -20.83
N PHE A 129 -2.82 -2.75 -21.55
CA PHE A 129 -2.82 -2.77 -22.99
C PHE A 129 -1.45 -3.11 -23.53
N LEU A 130 -1.40 -4.11 -24.38
CA LEU A 130 -0.14 -4.54 -24.95
C LEU A 130 -0.09 -4.29 -26.44
N GLN A 131 0.85 -3.46 -26.85
CA GLN A 131 1.03 -3.19 -28.27
C GLN A 131 2.16 -4.02 -28.80
N ASP A 132 1.84 -4.88 -29.75
CA ASP A 132 2.81 -5.78 -30.36
C ASP A 132 2.97 -5.39 -31.82
N GLY A 133 4.01 -4.65 -32.15
CA GLY A 133 4.11 -4.15 -33.51
C GLY A 133 2.99 -3.15 -33.75
N THR A 134 2.11 -3.47 -34.69
CA THR A 134 0.99 -2.59 -35.03
C THR A 134 -0.34 -3.04 -34.44
N LYS A 135 -0.35 -4.16 -33.71
CA LYS A 135 -1.60 -4.66 -33.15
C LYS A 135 -1.65 -4.43 -31.64
N THR A 136 -2.75 -3.86 -31.17
CA THR A 136 -2.90 -3.63 -29.74
C THR A 136 -4.07 -4.39 -29.19
N VAL A 137 -3.84 -5.11 -28.11
CA VAL A 137 -4.90 -5.88 -27.48
C VAL A 137 -5.03 -5.56 -26.00
N GLU A 138 -6.21 -5.80 -25.46
CA GLU A 138 -6.46 -5.61 -24.06
C GLU A 138 -6.17 -6.89 -23.28
N TYR A 139 -5.42 -6.73 -22.20
CA TYR A 139 -5.05 -7.82 -21.32
C TYR A 139 -5.59 -7.54 -19.91
N ALA A 140 -6.35 -8.48 -19.37
CA ALA A 140 -6.98 -8.25 -18.08
C ALA A 140 -7.05 -9.53 -17.27
N PRO A 141 -5.92 -9.99 -16.72
CA PRO A 141 -5.78 -11.28 -16.06
C PRO A 141 -6.59 -11.42 -14.76
N CYS A 142 -7.02 -10.29 -14.15
CA CYS A 142 -7.82 -10.27 -12.93
C CYS A 142 -9.27 -9.92 -13.21
N ARG A 143 -9.67 -9.95 -14.47
CA ARG A 143 -11.05 -9.64 -14.80
C ARG A 143 -11.79 -10.94 -15.13
N SER A 144 -12.47 -11.50 -14.12
CA SER A 144 -13.10 -12.81 -14.26
C SER A 144 -14.28 -12.98 -13.32
N GLN A 145 -14.64 -14.25 -13.09
CA GLN A 145 -15.78 -14.61 -12.24
C GLN A 145 -15.36 -14.63 -10.78
N ASP A 146 -14.05 -14.56 -10.55
CA ASP A 146 -13.52 -14.58 -9.21
C ASP A 146 -13.57 -13.15 -8.69
N ILE A 147 -14.75 -12.74 -8.24
CA ILE A 147 -15.04 -11.34 -7.91
C ILE A 147 -15.02 -11.06 -6.43
N ASP A 148 -15.18 -9.78 -6.06
CA ASP A 148 -15.18 -9.34 -4.66
C ASP A 148 -13.80 -9.42 -4.01
N ALA A 149 -13.75 -9.00 -2.75
CA ALA A 149 -12.49 -8.90 -2.00
C ALA A 149 -11.80 -10.25 -1.83
N ASP A 150 -12.57 -11.33 -1.71
CA ASP A 150 -11.99 -12.65 -1.53
C ASP A 150 -11.38 -13.19 -2.80
N GLY A 151 -11.71 -12.57 -3.92
CA GLY A 151 -11.27 -12.98 -5.23
C GLY A 151 -10.32 -11.95 -5.81
N GLN A 152 -10.47 -11.69 -7.10
CA GLN A 152 -9.62 -10.76 -7.83
C GLN A 152 -10.29 -9.41 -8.02
N GLY A 153 -11.46 -9.22 -7.40
CA GLY A 153 -12.23 -8.00 -7.59
C GLY A 153 -11.43 -6.77 -7.22
N PHE A 154 -10.59 -6.89 -6.22
CA PHE A 154 -9.76 -5.77 -5.78
C PHE A 154 -8.27 -5.97 -6.09
N CYS A 155 -7.96 -6.79 -7.11
CA CYS A 155 -6.61 -7.13 -7.57
C CYS A 155 -5.76 -5.92 -7.89
N GLN A 156 -6.32 -4.96 -8.63
CA GLN A 156 -5.54 -3.86 -9.17
C GLN A 156 -4.40 -4.42 -10.00
N GLY A 157 -4.73 -5.32 -10.89
CA GLY A 157 -3.71 -5.95 -11.69
C GLY A 157 -3.07 -4.90 -12.55
N GLY A 158 -1.75 -4.98 -12.67
CA GLY A 158 -1.04 -4.01 -13.47
C GLY A 158 -0.35 -3.03 -12.55
N PHE A 159 -0.61 -3.16 -11.24
CA PHE A 159 0.04 -2.31 -10.26
C PHE A 159 1.54 -2.39 -10.49
N SER A 160 2.05 -3.61 -10.72
CA SER A 160 3.46 -3.74 -11.06
C SER A 160 3.63 -4.73 -12.20
N ILE A 161 4.49 -4.38 -13.15
CA ILE A 161 4.75 -5.21 -14.33
C ILE A 161 6.22 -5.32 -14.71
N ASP A 162 6.55 -6.44 -15.36
CA ASP A 162 7.88 -6.68 -15.93
C ASP A 162 7.79 -7.71 -17.06
N PHE A 163 8.91 -7.97 -17.71
CA PHE A 163 9.00 -9.02 -18.72
C PHE A 163 10.08 -10.03 -18.38
N THR A 164 9.87 -11.28 -18.75
CA THR A 164 10.91 -12.28 -18.57
C THR A 164 11.68 -12.40 -19.86
N LYS A 165 12.87 -12.98 -19.79
CA LYS A 165 13.63 -13.20 -21.00
C LYS A 165 12.91 -14.17 -21.93
N ALA A 166 12.28 -15.19 -21.35
CA ALA A 166 11.60 -16.23 -22.13
C ALA A 166 10.18 -15.85 -22.54
N ASP A 167 10.04 -14.67 -23.13
CA ASP A 167 8.79 -14.20 -23.72
C ASP A 167 7.53 -14.28 -22.85
N ARG A 168 7.63 -13.89 -21.58
CA ARG A 168 6.44 -13.87 -20.72
C ARG A 168 6.25 -12.52 -20.04
N VAL A 169 5.00 -12.19 -19.77
CA VAL A 169 4.65 -10.98 -19.03
C VAL A 169 4.45 -11.32 -17.58
N LEU A 170 5.14 -10.60 -16.71
CA LEU A 170 4.97 -10.77 -15.27
C LEU A 170 4.14 -9.64 -14.71
N LEU A 171 3.04 -9.98 -14.06
CA LEU A 171 2.15 -8.98 -13.50
C LEU A 171 1.83 -9.21 -12.05
N GLY A 172 1.94 -8.15 -11.25
CA GLY A 172 1.56 -8.19 -9.85
C GLY A 172 0.18 -7.56 -9.67
N GLY A 173 -0.58 -8.14 -8.74
CA GLY A 173 -1.92 -7.69 -8.35
C GLY A 173 -2.09 -7.76 -6.83
N PRO A 174 -1.55 -6.78 -6.10
CA PRO A 174 -1.34 -6.75 -4.65
C PRO A 174 -2.62 -6.84 -3.85
N GLY A 175 -3.75 -6.50 -4.45
CA GLY A 175 -4.98 -6.50 -3.68
C GLY A 175 -5.72 -7.83 -3.69
N SER A 176 -5.18 -8.81 -4.41
CA SER A 176 -5.90 -10.07 -4.54
C SER A 176 -6.12 -10.77 -3.21
N PHE A 177 -7.30 -11.38 -3.06
CA PHE A 177 -7.63 -12.17 -1.89
C PHE A 177 -7.45 -11.38 -0.61
N TYR A 178 -8.25 -10.35 -0.40
CA TYR A 178 -8.11 -9.52 0.78
C TYR A 178 -6.69 -9.05 0.99
N TRP A 179 -6.07 -8.58 -0.08
CA TRP A 179 -4.73 -8.05 -0.03
C TRP A 179 -3.65 -9.05 0.37
N GLN A 180 -3.84 -10.34 0.10
CA GLN A 180 -2.74 -11.28 0.27
C GLN A 180 -1.76 -11.00 -0.84
N GLY A 181 -2.32 -10.70 -2.02
CA GLY A 181 -1.59 -10.40 -3.24
C GLY A 181 -1.43 -11.62 -4.14
N GLN A 182 -1.36 -11.37 -5.45
CA GLN A 182 -1.19 -12.45 -6.42
C GLN A 182 -0.18 -12.12 -7.51
N LEU A 183 0.59 -13.13 -7.92
CA LEU A 183 1.48 -12.98 -9.07
C LEU A 183 0.95 -13.77 -10.23
N ILE A 184 0.95 -13.17 -11.42
CA ILE A 184 0.49 -13.83 -12.64
C ILE A 184 1.53 -13.73 -13.76
N SER A 185 1.77 -14.84 -14.45
CA SER A 185 2.71 -14.86 -15.57
C SER A 185 2.13 -15.54 -16.81
N ASP A 186 2.14 -14.83 -17.93
CA ASP A 186 1.56 -15.32 -19.19
C ASP A 186 2.45 -15.14 -20.40
N GLN A 187 2.26 -15.99 -21.40
CA GLN A 187 3.03 -15.92 -22.63
C GLN A 187 2.57 -14.77 -23.51
N VAL A 188 3.49 -14.07 -24.15
CA VAL A 188 3.09 -12.93 -24.99
C VAL A 188 2.28 -13.38 -26.20
N ALA A 189 2.64 -14.54 -26.76
CA ALA A 189 1.95 -15.06 -27.93
C ALA A 189 0.52 -15.42 -27.60
N GLU A 190 0.32 -15.94 -26.39
CA GLU A 190 -0.99 -16.38 -25.95
C GLU A 190 -1.89 -15.18 -25.71
N ILE A 191 -1.34 -14.13 -25.12
CA ILE A 191 -2.13 -12.94 -24.82
C ILE A 191 -2.72 -12.37 -26.09
N VAL A 192 -1.92 -12.30 -27.14
CA VAL A 192 -2.46 -11.77 -28.39
C VAL A 192 -3.32 -12.78 -29.16
N SER A 193 -2.92 -14.06 -29.21
CA SER A 193 -3.64 -15.01 -30.04
C SER A 193 -5.04 -15.33 -29.51
N LYS A 194 -5.25 -15.16 -28.22
CA LYS A 194 -6.57 -15.42 -27.64
C LYS A 194 -7.44 -14.18 -27.52
N TYR A 195 -6.97 -13.05 -28.03
CA TYR A 195 -7.73 -11.82 -27.88
C TYR A 195 -8.93 -11.69 -28.81
N ASP A 196 -10.05 -11.29 -28.22
CA ASP A 196 -11.28 -10.97 -28.92
C ASP A 196 -11.87 -9.71 -28.29
N PRO A 197 -12.21 -8.69 -29.07
CA PRO A 197 -12.67 -7.38 -28.63
C PRO A 197 -14.00 -7.41 -27.90
N ASN A 198 -14.76 -8.49 -28.08
CA ASN A 198 -16.05 -8.64 -27.46
C ASN A 198 -16.05 -9.67 -26.33
N VAL A 199 -14.87 -10.04 -25.87
CA VAL A 199 -14.75 -10.96 -24.76
C VAL A 199 -14.04 -10.25 -23.63
N TYR A 200 -14.68 -10.16 -22.49
CA TYR A 200 -14.10 -9.39 -21.41
C TYR A 200 -13.22 -10.25 -20.52
N SER A 201 -13.58 -11.52 -20.37
CA SER A 201 -12.78 -12.43 -19.56
C SER A 201 -12.19 -13.53 -20.42
N ILE A 202 -10.86 -13.57 -20.46
CA ILE A 202 -10.14 -14.53 -21.28
C ILE A 202 -9.31 -15.47 -20.42
N LYS A 203 -9.48 -16.77 -20.64
CA LYS A 203 -8.72 -17.76 -19.90
C LYS A 203 -7.48 -18.16 -20.68
N TYR A 204 -6.33 -18.03 -20.04
CA TYR A 204 -5.06 -18.34 -20.67
C TYR A 204 -4.56 -19.70 -20.17
N ASN A 205 -4.50 -20.69 -21.05
CA ASN A 205 -4.19 -22.06 -20.66
C ASN A 205 -2.74 -22.28 -20.21
N ASN A 206 -1.83 -21.42 -20.62
CA ASN A 206 -0.43 -21.60 -20.23
C ASN A 206 -0.04 -20.65 -19.09
N GLN A 207 -1.04 -20.10 -18.42
CA GLN A 207 -0.85 -19.16 -17.31
C GLN A 207 -0.30 -19.79 -16.04
N LEU A 208 0.64 -19.09 -15.41
CA LEU A 208 1.13 -19.47 -14.09
C LEU A 208 0.64 -18.43 -13.10
N ALA A 209 0.24 -18.85 -11.93
CA ALA A 209 -0.19 -17.88 -10.93
C ALA A 209 -0.10 -18.43 -9.53
N THR A 210 0.02 -17.51 -8.57
CA THR A 210 -0.04 -17.88 -7.17
C THR A 210 -1.51 -18.05 -6.77
N ARG A 211 -1.74 -18.60 -5.58
CA ARG A 211 -3.11 -18.85 -5.12
C ARG A 211 -3.39 -18.30 -3.74
N THR A 212 -4.66 -18.13 -3.44
CA THR A 212 -5.14 -17.65 -2.16
C THR A 212 -4.80 -18.62 -1.04
N ALA A 213 -4.52 -18.07 0.14
CA ALA A 213 -4.16 -18.86 1.31
C ALA A 213 -5.00 -18.48 2.53
N GLN A 214 -4.56 -18.94 3.69
CA GLN A 214 -5.22 -18.69 4.97
C GLN A 214 -5.24 -17.20 5.31
N ALA A 215 -6.20 -16.79 6.14
CA ALA A 215 -6.40 -15.40 6.52
C ALA A 215 -5.16 -14.81 7.19
N ILE A 216 -4.31 -15.66 7.73
CA ILE A 216 -3.09 -15.23 8.39
C ILE A 216 -2.17 -14.46 7.43
N PHE A 217 -2.40 -14.60 6.13
CA PHE A 217 -1.59 -13.93 5.12
C PHE A 217 -2.29 -12.70 4.55
N ASP A 218 -3.45 -12.35 5.08
CA ASP A 218 -4.20 -11.21 4.58
C ASP A 218 -3.39 -9.95 4.83
N ASP A 219 -3.62 -8.91 4.04
CA ASP A 219 -2.90 -7.66 4.24
C ASP A 219 -1.39 -7.81 4.14
N SER A 220 -0.90 -8.55 3.14
CA SER A 220 0.55 -8.73 2.95
C SER A 220 1.06 -8.00 1.69
N TYR A 221 0.17 -7.81 0.73
CA TYR A 221 0.44 -7.19 -0.57
C TYR A 221 1.47 -7.88 -1.46
N LEU A 222 1.41 -9.20 -1.60
CA LEU A 222 2.34 -9.84 -2.52
C LEU A 222 2.14 -9.31 -3.93
N GLY A 223 3.23 -8.91 -4.55
CA GLY A 223 3.15 -8.39 -5.92
C GLY A 223 3.20 -6.88 -5.92
N TYR A 224 3.42 -6.30 -4.75
CA TYR A 224 3.54 -4.87 -4.60
C TYR A 224 4.60 -4.34 -5.57
N SER A 225 5.69 -5.08 -5.69
CA SER A 225 6.76 -4.76 -6.63
C SER A 225 7.40 -6.07 -7.12
N VAL A 226 7.84 -6.09 -8.38
CA VAL A 226 8.44 -7.30 -8.94
C VAL A 226 9.76 -7.07 -9.68
N ALA A 227 10.51 -8.17 -9.83
CA ALA A 227 11.76 -8.22 -10.60
C ALA A 227 11.99 -9.66 -11.07
N VAL A 228 12.86 -9.86 -12.06
CA VAL A 228 13.14 -11.22 -12.51
C VAL A 228 14.63 -11.54 -12.61
N GLY A 229 14.96 -12.83 -12.61
CA GLY A 229 16.33 -13.30 -12.80
C GLY A 229 16.47 -14.77 -12.41
N ASP A 230 17.60 -15.39 -12.79
CA ASP A 230 17.80 -16.82 -12.50
C ASP A 230 18.38 -17.06 -11.10
N PHE A 231 17.57 -17.67 -10.23
CA PHE A 231 17.96 -17.93 -8.86
C PHE A 231 18.06 -19.41 -8.51
N ASN A 232 18.11 -20.28 -9.52
CA ASN A 232 18.25 -21.72 -9.24
C ASN A 232 19.12 -22.46 -10.27
N GLY A 233 19.63 -21.76 -11.26
CA GLY A 233 20.53 -22.36 -12.24
C GLY A 233 19.83 -23.21 -13.31
N ASP A 234 18.56 -22.92 -13.59
CA ASP A 234 17.85 -23.70 -14.59
C ASP A 234 17.81 -23.03 -15.96
N GLY A 235 18.37 -21.83 -16.08
CA GLY A 235 18.38 -21.11 -17.34
C GLY A 235 17.08 -20.35 -17.60
N ILE A 236 16.16 -20.43 -16.65
CA ILE A 236 14.88 -19.79 -16.76
C ILE A 236 14.73 -18.70 -15.71
N ASP A 237 14.40 -17.50 -16.15
CA ASP A 237 14.22 -16.39 -15.23
C ASP A 237 13.15 -16.73 -14.22
N ASP A 238 13.47 -16.52 -12.96
CA ASP A 238 12.54 -16.80 -11.88
C ASP A 238 11.88 -15.50 -11.46
N PHE A 239 10.96 -15.57 -10.51
CA PHE A 239 10.20 -14.39 -10.14
C PHE A 239 10.55 -13.86 -8.76
N VAL A 240 10.85 -12.57 -8.67
CA VAL A 240 11.15 -11.93 -7.40
C VAL A 240 10.01 -10.98 -7.07
N SER A 241 9.41 -11.11 -5.88
CA SER A 241 8.29 -10.25 -5.56
C SER A 241 8.25 -9.81 -4.10
N GLY A 242 8.08 -8.50 -3.90
CA GLY A 242 8.03 -7.93 -2.55
C GLY A 242 6.69 -8.19 -1.88
N VAL A 243 6.72 -8.36 -0.56
CA VAL A 243 5.52 -8.57 0.24
C VAL A 243 5.56 -7.69 1.51
N PRO A 244 5.42 -6.38 1.39
CA PRO A 244 5.80 -5.36 2.37
C PRO A 244 5.11 -5.41 3.73
N ARG A 245 3.94 -6.04 3.86
CA ARG A 245 3.30 -6.07 5.18
C ARG A 245 3.30 -7.48 5.79
N ALA A 246 4.06 -8.39 5.18
CA ALA A 246 4.15 -9.77 5.67
C ALA A 246 4.79 -9.80 7.04
N ALA A 247 4.51 -10.86 7.79
CA ALA A 247 5.13 -11.02 9.10
C ALA A 247 4.83 -9.83 10.00
N ARG A 248 3.56 -9.44 10.04
CA ARG A 248 3.08 -8.37 10.91
C ARG A 248 3.81 -7.05 10.73
N THR A 249 3.90 -6.60 9.48
CA THR A 249 4.55 -5.33 9.11
C THR A 249 6.07 -5.39 9.17
N LEU A 250 6.63 -6.55 9.48
CA LEU A 250 8.09 -6.69 9.42
C LEU A 250 8.54 -6.65 7.96
N GLY A 251 7.75 -7.28 7.09
CA GLY A 251 7.99 -7.29 5.66
C GLY A 251 8.79 -8.49 5.17
N MET A 252 8.42 -9.01 4.01
CA MET A 252 9.12 -10.14 3.40
C MET A 252 9.23 -9.99 1.89
N VAL A 253 10.16 -10.73 1.30
CA VAL A 253 10.30 -10.84 -0.15
C VAL A 253 10.37 -12.31 -0.55
N TYR A 254 9.61 -12.69 -1.57
CA TYR A 254 9.57 -14.08 -2.00
C TYR A 254 10.19 -14.29 -3.38
N ILE A 255 10.83 -15.43 -3.59
CA ILE A 255 11.26 -15.82 -4.93
C ILE A 255 10.59 -17.11 -5.34
N TYR A 256 9.94 -17.07 -6.50
CA TYR A 256 9.23 -18.23 -7.05
C TYR A 256 9.87 -18.76 -8.32
N ASP A 257 9.75 -20.05 -8.52
CA ASP A 257 10.25 -20.73 -9.71
C ASP A 257 9.61 -20.23 -10.99
N GLY A 258 10.44 -19.91 -11.97
CA GLY A 258 10.00 -19.38 -13.26
C GLY A 258 9.26 -20.38 -14.14
N LYS A 259 9.30 -21.66 -13.79
CA LYS A 259 8.64 -22.67 -14.61
C LYS A 259 7.29 -23.15 -14.05
N ASN A 260 7.20 -23.38 -12.71
CA ASN A 260 5.95 -23.89 -12.09
C ASN A 260 5.45 -23.02 -10.90
N MET A 261 6.00 -21.80 -10.71
CA MET A 261 5.57 -20.86 -9.65
C MET A 261 5.66 -21.44 -8.23
N SER A 262 6.68 -22.26 -7.98
CA SER A 262 6.88 -22.86 -6.67
C SER A 262 7.88 -22.03 -5.86
N SER A 263 7.58 -21.79 -4.58
CA SER A 263 8.48 -20.96 -3.79
C SER A 263 9.86 -21.57 -3.63
N LEU A 264 10.89 -20.76 -3.82
CA LEU A 264 12.27 -21.21 -3.69
C LEU A 264 12.98 -20.58 -2.49
N TYR A 265 12.84 -19.27 -2.34
CA TYR A 265 13.53 -18.54 -1.28
C TYR A 265 12.62 -17.49 -0.65
N ASN A 266 12.93 -17.13 0.61
CA ASN A 266 12.26 -16.04 1.35
C ASN A 266 13.29 -15.16 2.04
N PHE A 267 13.07 -13.85 2.05
CA PHE A 267 13.87 -12.85 2.77
C PHE A 267 12.96 -12.13 3.76
N THR A 268 13.50 -11.75 4.92
CA THR A 268 12.70 -11.06 5.92
C THR A 268 13.40 -9.78 6.40
N GLY A 269 12.61 -8.75 6.70
CA GLY A 269 13.16 -7.49 7.20
C GLY A 269 13.55 -7.60 8.67
N GLU A 270 14.17 -6.53 9.18
CA GLU A 270 14.65 -6.50 10.55
C GLU A 270 13.84 -5.59 11.48
N GLN A 271 13.02 -4.72 10.90
CA GLN A 271 12.32 -3.72 11.70
C GLN A 271 10.88 -3.54 11.27
N MET A 272 10.00 -3.43 12.27
CA MET A 272 8.60 -3.22 12.00
C MET A 272 8.37 -1.89 11.33
N ALA A 273 7.55 -1.91 10.28
CA ALA A 273 7.13 -0.73 9.53
C ALA A 273 8.28 -0.04 8.80
N ALA A 274 9.34 -0.79 8.46
CA ALA A 274 10.41 -0.25 7.62
C ALA A 274 9.99 -0.37 6.15
N TYR A 275 8.85 -1.04 5.96
CA TYR A 275 8.24 -1.33 4.68
C TYR A 275 9.23 -2.10 3.80
N PHE A 276 9.84 -3.13 4.39
CA PHE A 276 10.78 -3.98 3.69
C PHE A 276 10.03 -4.73 2.61
N GLY A 277 10.48 -4.56 1.38
CA GLY A 277 9.82 -5.15 0.23
C GLY A 277 9.09 -4.10 -0.61
N PHE A 278 9.21 -2.82 -0.23
CA PHE A 278 8.59 -1.73 -0.99
C PHE A 278 8.97 -1.84 -2.46
N SER A 279 10.25 -2.08 -2.71
CA SER A 279 10.72 -2.24 -4.08
C SER A 279 11.79 -3.30 -4.13
N VAL A 280 11.83 -4.04 -5.24
CA VAL A 280 12.84 -5.05 -5.43
C VAL A 280 13.50 -4.93 -6.78
N ALA A 281 14.70 -5.48 -6.91
CA ALA A 281 15.42 -5.52 -8.16
C ALA A 281 16.31 -6.75 -8.21
N ALA A 282 16.67 -7.18 -9.42
CA ALA A 282 17.56 -8.32 -9.56
C ALA A 282 18.58 -8.09 -10.66
N THR A 283 19.83 -8.35 -10.33
CA THR A 283 20.94 -8.18 -11.28
C THR A 283 22.20 -8.85 -10.75
N ASP A 284 23.12 -9.20 -11.62
CA ASP A 284 24.40 -9.75 -11.16
C ASP A 284 25.37 -8.59 -10.87
N ILE A 285 25.54 -8.26 -9.59
CA ILE A 285 26.27 -7.05 -9.23
C ILE A 285 27.77 -7.26 -9.04
N ASN A 286 28.17 -8.50 -8.81
CA ASN A 286 29.57 -8.78 -8.56
C ASN A 286 30.19 -9.63 -9.65
N GLY A 287 29.48 -9.76 -10.76
CA GLY A 287 30.01 -10.49 -11.92
C GLY A 287 30.21 -11.97 -11.67
N ASP A 288 29.36 -12.60 -10.86
CA ASP A 288 29.55 -14.01 -10.54
C ASP A 288 28.64 -14.95 -11.34
N ASP A 289 27.95 -14.38 -12.33
CA ASP A 289 27.02 -15.08 -13.21
C ASP A 289 25.75 -15.53 -12.51
N TYR A 290 25.55 -15.09 -11.28
CA TYR A 290 24.31 -15.36 -10.57
C TYR A 290 23.59 -14.07 -10.21
N ALA A 291 22.29 -14.02 -10.45
CA ALA A 291 21.51 -12.84 -10.14
C ALA A 291 21.54 -12.59 -8.64
N ASP A 292 21.65 -11.33 -8.26
CA ASP A 292 21.67 -10.97 -6.86
C ASP A 292 20.36 -10.26 -6.53
N VAL A 293 19.98 -10.26 -5.25
CA VAL A 293 18.69 -9.69 -4.86
C VAL A 293 18.82 -8.37 -4.09
N PHE A 294 18.16 -7.33 -4.59
CA PHE A 294 18.17 -6.02 -3.96
C PHE A 294 16.80 -5.67 -3.39
N ILE A 295 16.72 -5.46 -2.08
CA ILE A 295 15.45 -5.19 -1.44
C ILE A 295 15.43 -3.87 -0.69
N GLY A 296 14.49 -3.00 -1.03
CA GLY A 296 14.38 -1.73 -0.34
C GLY A 296 13.50 -1.83 0.90
N ALA A 297 13.76 -0.94 1.86
CA ALA A 297 12.99 -0.76 3.08
C ALA A 297 13.06 0.72 3.48
N PRO A 298 12.39 1.60 2.72
CA PRO A 298 12.52 3.04 2.73
C PRO A 298 12.15 3.72 4.03
N LEU A 299 11.42 3.03 4.90
CA LEU A 299 11.00 3.68 6.13
C LEU A 299 11.84 3.25 7.31
N PHE A 300 12.91 2.51 7.05
CA PHE A 300 13.76 2.02 8.14
C PHE A 300 14.30 3.12 9.02
N MET A 301 14.20 2.90 10.34
CA MET A 301 14.73 3.83 11.32
C MET A 301 16.01 3.31 11.93
N ASP A 302 17.07 4.09 11.80
CA ASP A 302 18.35 3.67 12.33
C ASP A 302 18.54 4.27 13.71
N ARG A 303 19.66 3.95 14.34
CA ARG A 303 19.98 4.51 15.65
C ARG A 303 21.07 5.55 15.52
N GLY A 304 20.74 6.79 15.86
CA GLY A 304 21.69 7.89 15.70
C GLY A 304 22.72 7.91 16.83
N SER A 305 23.64 8.86 16.76
CA SER A 305 24.73 8.98 17.72
C SER A 305 24.25 9.39 19.10
N ASP A 306 23.04 9.94 19.16
CA ASP A 306 22.44 10.37 20.41
C ASP A 306 21.47 9.32 20.95
N GLY A 307 21.42 8.16 20.30
CA GLY A 307 20.57 7.07 20.72
C GLY A 307 19.13 7.24 20.20
N LYS A 308 18.89 8.31 19.46
CA LYS A 308 17.56 8.58 18.95
C LYS A 308 17.28 7.82 17.67
N LEU A 309 16.08 7.27 17.53
CA LEU A 309 15.73 6.62 16.29
C LEU A 309 15.43 7.65 15.23
N GLN A 310 15.90 7.41 14.02
CA GLN A 310 15.62 8.32 12.92
C GLN A 310 15.39 7.58 11.61
N GLU A 311 14.39 8.04 10.86
CA GLU A 311 14.04 7.40 9.60
C GLU A 311 14.95 7.84 8.49
N VAL A 312 15.65 6.89 7.87
CA VAL A 312 16.58 7.21 6.79
C VAL A 312 16.30 6.36 5.55
N GLY A 313 15.82 5.14 5.78
CA GLY A 313 15.63 4.17 4.72
C GLY A 313 16.80 3.20 4.63
N GLN A 314 16.51 1.97 4.21
CA GLN A 314 17.52 0.93 4.10
C GLN A 314 17.35 0.06 2.84
N VAL A 315 18.47 -0.37 2.28
CA VAL A 315 18.47 -1.34 1.19
C VAL A 315 19.35 -2.53 1.54
N SER A 316 18.80 -3.73 1.45
CA SER A 316 19.59 -4.92 1.73
C SER A 316 20.03 -5.55 0.42
N VAL A 317 21.22 -6.11 0.41
CA VAL A 317 21.72 -6.75 -0.79
C VAL A 317 22.15 -8.17 -0.53
N SER A 318 21.54 -9.11 -1.23
CA SER A 318 21.85 -10.53 -1.04
C SER A 318 22.54 -11.12 -2.26
N LEU A 319 23.79 -11.52 -2.08
CA LEU A 319 24.57 -12.07 -3.18
C LEU A 319 24.28 -13.54 -3.33
N GLN A 320 23.97 -13.97 -4.54
CA GLN A 320 23.66 -15.38 -4.77
C GLN A 320 24.95 -16.15 -5.00
N ARG A 321 25.10 -17.25 -4.28
CA ARG A 321 26.26 -18.08 -4.47
C ARG A 321 25.88 -19.38 -5.11
N ALA A 322 26.85 -20.02 -5.74
CA ALA A 322 26.64 -21.25 -6.50
C ALA A 322 26.05 -22.38 -5.66
N SER A 323 26.24 -22.30 -4.34
CA SER A 323 25.76 -23.35 -3.43
C SER A 323 24.27 -23.23 -3.11
N GLY A 324 23.65 -22.11 -3.50
CA GLY A 324 22.23 -21.86 -3.20
C GLY A 324 22.07 -20.92 -2.01
N ASP A 325 23.17 -20.69 -1.30
CA ASP A 325 23.19 -19.80 -0.16
C ASP A 325 23.32 -18.35 -0.60
N PHE A 326 22.88 -17.44 0.26
CA PHE A 326 23.06 -16.02 -0.01
C PHE A 326 23.91 -15.34 1.06
N GLN A 327 24.69 -14.36 0.63
CA GLN A 327 25.47 -13.54 1.54
C GLN A 327 24.85 -12.15 1.61
N THR A 328 24.33 -11.78 2.76
CA THR A 328 23.58 -10.54 2.87
C THR A 328 24.32 -9.42 3.59
N THR A 329 24.31 -8.25 2.98
CA THR A 329 24.87 -7.04 3.56
C THR A 329 23.79 -5.95 3.53
N LYS A 330 24.03 -4.83 4.20
CA LYS A 330 23.02 -3.78 4.22
C LYS A 330 23.60 -2.37 4.10
N LEU A 331 22.87 -1.52 3.38
CA LEU A 331 23.21 -0.12 3.21
C LEU A 331 22.09 0.80 3.72
N ASN A 332 22.44 1.75 4.59
CA ASN A 332 21.47 2.69 5.13
C ASN A 332 21.49 4.01 4.35
N GLY A 333 20.40 4.76 4.45
CA GLY A 333 20.28 6.04 3.78
C GLY A 333 21.15 7.12 4.41
N PHE A 334 21.15 8.30 3.78
CA PHE A 334 22.03 9.37 4.18
C PHE A 334 21.31 10.57 4.79
N GLU A 335 20.01 10.68 4.56
CA GLU A 335 19.24 11.83 5.03
C GLU A 335 17.96 11.40 5.70
N VAL A 336 17.57 12.13 6.74
CA VAL A 336 16.39 11.77 7.49
C VAL A 336 15.12 12.15 6.74
N PHE A 337 14.23 11.17 6.66
CA PHE A 337 12.94 11.21 5.96
C PHE A 337 13.09 11.36 4.44
N ALA A 338 14.27 11.09 3.90
CA ALA A 338 14.45 11.13 2.46
C ALA A 338 13.91 9.85 1.82
N ARG A 339 13.73 8.83 2.65
CA ARG A 339 13.25 7.51 2.25
C ARG A 339 14.14 6.83 1.22
N PHE A 340 15.41 6.69 1.57
CA PHE A 340 16.37 6.04 0.68
C PHE A 340 15.97 4.60 0.47
N GLY A 341 15.97 4.18 -0.79
CA GLY A 341 15.60 2.82 -1.12
C GLY A 341 14.21 2.75 -1.72
N SER A 342 13.56 3.90 -1.88
CA SER A 342 12.23 3.95 -2.48
C SER A 342 12.25 3.42 -3.91
N ALA A 343 13.34 3.65 -4.63
CA ALA A 343 13.42 3.13 -5.99
C ALA A 343 14.81 2.63 -6.29
N ILE A 344 14.87 1.40 -6.81
CA ILE A 344 16.12 0.74 -7.14
C ILE A 344 16.12 0.37 -8.63
N ALA A 345 17.18 0.77 -9.33
CA ALA A 345 17.26 0.47 -10.76
C ALA A 345 18.67 0.08 -11.19
N PRO A 346 18.88 -1.16 -11.65
CA PRO A 346 20.14 -1.64 -12.21
C PRO A 346 20.46 -0.77 -13.41
N LEU A 347 21.74 -0.43 -13.58
CA LEU A 347 22.12 0.41 -14.71
C LEU A 347 22.86 -0.38 -15.77
N GLY A 348 23.12 -1.65 -15.49
CA GLY A 348 23.96 -2.42 -16.38
C GLY A 348 25.39 -1.99 -16.12
N ASP A 349 26.29 -2.26 -17.04
CA ASP A 349 27.67 -1.89 -16.77
C ASP A 349 27.91 -0.45 -17.18
N LEU A 350 27.47 0.46 -16.34
CA LEU A 350 27.43 1.88 -16.63
C LEU A 350 28.77 2.44 -17.08
N ASP A 351 29.83 1.99 -16.44
CA ASP A 351 31.16 2.48 -16.73
C ASP A 351 32.04 1.48 -17.49
N GLN A 352 31.43 0.42 -18.02
CA GLN A 352 32.16 -0.61 -18.75
C GLN A 352 33.39 -1.15 -17.98
N ASP A 353 33.22 -1.50 -16.70
CA ASP A 353 34.35 -2.04 -15.94
C ASP A 353 34.24 -3.53 -15.70
N GLY A 354 33.24 -4.18 -16.28
CA GLY A 354 33.04 -5.61 -16.11
C GLY A 354 32.00 -5.93 -15.05
N PHE A 355 31.57 -4.95 -14.27
CA PHE A 355 30.58 -5.21 -13.25
C PHE A 355 29.36 -4.33 -13.42
N ASN A 356 28.19 -4.89 -13.13
CA ASN A 356 26.98 -4.10 -13.24
C ASN A 356 26.94 -3.10 -12.12
N ASP A 357 26.38 -1.94 -12.41
CA ASP A 357 26.25 -0.90 -11.41
C ASP A 357 24.78 -0.70 -11.10
N ILE A 358 24.45 0.19 -10.18
CA ILE A 358 23.06 0.35 -9.78
C ILE A 358 22.75 1.71 -9.18
N ALA A 359 21.53 2.21 -9.42
CA ALA A 359 21.11 3.46 -8.81
C ALA A 359 20.06 3.23 -7.74
N ILE A 360 20.15 3.99 -6.65
CA ILE A 360 19.14 3.95 -5.60
C ILE A 360 18.67 5.37 -5.32
N ALA A 361 17.37 5.58 -5.38
CA ALA A 361 16.82 6.91 -5.18
C ALA A 361 16.41 7.16 -3.73
N ALA A 362 16.34 8.45 -3.41
CA ALA A 362 15.86 9.01 -2.15
C ALA A 362 15.01 10.24 -2.46
N PRO A 363 13.78 10.05 -2.96
CA PRO A 363 12.92 11.03 -3.60
C PRO A 363 12.56 12.23 -2.75
N TYR A 364 12.69 12.15 -1.43
CA TYR A 364 12.29 13.29 -0.63
C TYR A 364 13.48 13.97 0.04
N GLY A 365 14.68 13.62 -0.40
CA GLY A 365 15.87 14.22 0.18
C GLY A 365 16.28 15.51 -0.51
N GLY A 366 17.33 16.13 0.00
CA GLY A 366 17.85 17.36 -0.58
C GLY A 366 17.11 18.57 -0.09
N GLU A 367 17.55 19.75 -0.52
CA GLU A 367 16.89 20.96 -0.10
C GLU A 367 15.49 20.94 -0.67
N ASP A 368 14.54 21.48 0.09
CA ASP A 368 13.15 21.62 -0.33
C ASP A 368 12.54 20.29 -0.78
N LYS A 369 13.12 19.18 -0.35
CA LYS A 369 12.63 17.85 -0.70
C LYS A 369 12.48 17.69 -2.21
N LYS A 370 13.45 18.21 -2.95
CA LYS A 370 13.48 18.11 -4.41
C LYS A 370 13.65 16.68 -4.90
N GLY A 371 14.40 15.87 -4.16
CA GLY A 371 14.67 14.47 -4.52
C GLY A 371 16.12 14.26 -4.98
N ILE A 372 16.69 13.17 -4.49
CA ILE A 372 18.08 12.79 -4.76
C ILE A 372 18.20 11.38 -5.33
N VAL A 373 19.08 11.21 -6.32
CA VAL A 373 19.38 9.88 -6.84
C VAL A 373 20.85 9.54 -6.64
N TYR A 374 21.12 8.39 -6.03
CA TYR A 374 22.50 7.98 -5.78
C TYR A 374 22.96 6.90 -6.74
N ILE A 375 24.16 7.06 -7.27
CA ILE A 375 24.74 6.07 -8.16
C ILE A 375 25.83 5.29 -7.47
N PHE A 376 25.70 3.96 -7.45
CA PHE A 376 26.66 3.08 -6.80
C PHE A 376 27.33 2.16 -7.81
N ASN A 377 28.61 1.86 -7.59
CA ASN A 377 29.31 0.92 -8.44
C ASN A 377 29.28 -0.48 -7.90
N GLY A 378 29.38 -1.44 -8.81
CA GLY A 378 29.53 -2.83 -8.43
C GLY A 378 30.99 -3.21 -8.36
N ARG A 379 31.28 -4.33 -7.72
CA ARG A 379 32.64 -4.86 -7.67
C ARG A 379 32.59 -6.36 -7.39
N SER A 380 33.72 -7.04 -7.54
CA SER A 380 33.76 -8.50 -7.38
C SER A 380 33.37 -8.96 -5.97
N THR A 381 33.39 -8.04 -5.02
CA THR A 381 33.07 -8.32 -3.63
C THR A 381 31.60 -8.05 -3.30
N GLY A 382 30.88 -7.38 -4.20
CA GLY A 382 29.50 -6.99 -3.91
C GLY A 382 29.21 -5.57 -4.36
N LEU A 383 28.37 -4.88 -3.60
CA LEU A 383 28.04 -3.51 -3.92
C LEU A 383 28.94 -2.57 -3.11
N ASN A 384 29.47 -1.53 -3.74
CA ASN A 384 30.26 -0.56 -2.99
C ASN A 384 29.31 0.34 -2.21
N ALA A 385 29.42 0.30 -0.89
CA ALA A 385 28.49 1.03 0.00
C ALA A 385 28.47 2.54 -0.25
N VAL A 386 29.60 3.12 -0.62
CA VAL A 386 29.61 4.56 -0.86
C VAL A 386 29.26 4.86 -2.31
N PRO A 387 28.38 5.84 -2.57
CA PRO A 387 27.97 6.25 -3.89
C PRO A 387 29.11 6.95 -4.59
N SER A 388 29.17 6.83 -5.91
CA SER A 388 30.19 7.52 -6.68
C SER A 388 29.68 8.82 -7.28
N GLN A 389 28.36 8.92 -7.46
CA GLN A 389 27.77 10.12 -8.05
C GLN A 389 26.39 10.39 -7.49
N ILE A 390 26.08 11.66 -7.27
CA ILE A 390 24.78 12.06 -6.76
C ILE A 390 24.08 13.03 -7.69
N LEU A 391 22.84 12.71 -8.04
CA LEU A 391 22.03 13.55 -8.90
C LEU A 391 21.01 14.33 -8.08
N GLU A 392 21.02 15.65 -8.22
CA GLU A 392 20.11 16.52 -7.48
C GLU A 392 18.92 16.94 -8.34
N GLY A 393 17.73 16.99 -7.74
CA GLY A 393 16.56 17.50 -8.45
C GLY A 393 16.72 19.00 -8.67
N GLN A 394 16.25 19.49 -9.82
CA GLN A 394 16.40 20.90 -10.18
C GLN A 394 15.11 21.71 -10.20
N TRP A 395 14.02 21.19 -9.66
CA TRP A 395 12.78 21.92 -9.77
C TRP A 395 12.22 22.34 -8.43
N ALA A 396 11.66 23.55 -8.40
CA ALA A 396 11.04 24.08 -7.19
C ALA A 396 9.81 23.28 -6.86
N ALA A 397 9.56 23.09 -5.58
CA ALA A 397 8.37 22.38 -5.16
C ALA A 397 7.12 23.20 -5.42
N ARG A 398 6.05 22.50 -5.77
CA ARG A 398 4.74 23.06 -5.96
C ARG A 398 3.83 22.53 -4.86
N SER A 399 2.57 22.96 -4.87
CA SER A 399 1.64 22.48 -3.87
C SER A 399 1.33 21.01 -4.12
N GLY A 400 0.81 20.33 -3.11
CA GLY A 400 0.53 18.90 -3.23
C GLY A 400 1.85 18.12 -3.21
N CYS A 401 1.99 17.15 -4.10
CA CYS A 401 3.17 16.28 -4.19
C CYS A 401 4.41 17.07 -4.61
N PRO A 402 5.55 16.90 -3.92
CA PRO A 402 6.82 17.52 -4.20
C PRO A 402 7.35 16.88 -5.49
N PRO A 403 8.32 17.50 -6.18
CA PRO A 403 8.87 17.07 -7.45
C PRO A 403 9.21 15.60 -7.40
N SER A 404 9.72 15.16 -6.26
CA SER A 404 10.05 13.77 -6.03
C SER A 404 10.98 13.24 -7.10
N PHE A 405 12.04 14.00 -7.38
CA PHE A 405 12.99 13.55 -8.37
C PHE A 405 13.60 12.26 -7.90
N GLY A 406 13.57 11.26 -8.75
CA GLY A 406 14.09 9.95 -8.38
C GLY A 406 12.98 9.00 -7.98
N TYR A 407 11.74 9.48 -8.02
CA TYR A 407 10.60 8.64 -7.69
C TYR A 407 10.60 7.34 -8.48
N SER A 408 10.87 7.45 -9.77
CA SER A 408 10.95 6.27 -10.63
C SER A 408 12.04 6.47 -11.67
N MET A 409 12.71 5.38 -12.04
CA MET A 409 13.79 5.47 -13.02
C MET A 409 14.11 4.14 -13.68
N LYS A 410 14.67 4.22 -14.89
CA LYS A 410 15.09 3.05 -15.67
C LYS A 410 16.35 3.35 -16.47
N GLY A 411 17.29 2.40 -16.50
CA GLY A 411 18.49 2.56 -17.31
C GLY A 411 18.80 1.30 -18.10
N ALA A 412 20.10 1.00 -18.23
CA ALA A 412 20.63 -0.16 -18.92
C ALA A 412 20.32 -0.18 -20.42
N THR A 413 19.97 0.97 -20.99
CA THR A 413 19.75 1.05 -22.43
C THR A 413 20.60 2.13 -23.06
N ASP A 414 21.37 1.79 -24.07
CA ASP A 414 22.24 2.76 -24.73
C ASP A 414 21.44 3.47 -25.82
N ILE A 415 20.93 4.66 -25.51
CA ILE A 415 20.01 5.38 -26.39
C ILE A 415 20.73 6.09 -27.52
N ASP A 416 21.91 6.61 -27.23
CA ASP A 416 22.70 7.37 -28.19
C ASP A 416 23.76 6.54 -28.88
N LYS A 417 23.70 5.24 -28.63
CA LYS A 417 24.59 4.26 -29.24
C LYS A 417 26.07 4.62 -29.09
N ASN A 418 26.49 4.98 -27.89
CA ASN A 418 27.90 5.33 -27.71
C ASN A 418 28.69 4.27 -26.96
N GLY A 419 28.03 3.15 -26.64
CA GLY A 419 28.66 2.05 -25.92
C GLY A 419 28.32 2.05 -24.43
N TYR A 420 27.66 3.09 -23.95
CA TYR A 420 27.34 3.14 -22.53
C TYR A 420 25.83 3.33 -22.33
N PRO A 421 25.21 2.54 -21.44
CA PRO A 421 23.80 2.55 -21.15
C PRO A 421 23.44 3.85 -20.49
N ASP A 422 22.26 4.35 -20.78
CA ASP A 422 21.83 5.63 -20.26
C ASP A 422 20.76 5.46 -19.18
N LEU A 423 20.32 6.57 -18.59
CA LEU A 423 19.35 6.54 -17.49
C LEU A 423 18.24 7.60 -17.60
N ILE A 424 16.99 7.17 -17.43
CA ILE A 424 15.86 8.09 -17.40
C ILE A 424 15.33 8.20 -15.98
N VAL A 425 15.25 9.43 -15.46
CA VAL A 425 14.76 9.65 -14.11
C VAL A 425 13.52 10.53 -14.15
N GLY A 426 12.44 10.06 -13.54
CA GLY A 426 11.21 10.82 -13.49
C GLY A 426 11.17 11.81 -12.32
N ALA A 427 10.30 12.81 -12.44
CA ALA A 427 10.02 13.81 -11.40
C ALA A 427 8.58 14.26 -11.55
N PHE A 428 7.64 13.36 -11.27
CA PHE A 428 6.23 13.58 -11.58
C PHE A 428 5.60 14.75 -10.85
N GLY A 429 6.14 15.16 -9.72
CA GLY A 429 5.51 16.24 -8.95
C GLY A 429 5.55 17.56 -9.71
N VAL A 430 6.39 17.63 -10.73
CA VAL A 430 6.51 18.81 -11.57
C VAL A 430 6.28 18.44 -13.03
N ASP A 431 5.63 17.29 -13.26
CA ASP A 431 5.32 16.81 -14.59
C ASP A 431 6.54 16.76 -15.51
N ARG A 432 7.63 16.17 -15.02
CA ARG A 432 8.87 16.16 -15.78
C ARG A 432 9.54 14.78 -15.84
N ALA A 433 10.28 14.56 -16.93
CA ALA A 433 11.09 13.35 -17.10
C ALA A 433 12.43 13.72 -17.70
N ILE A 434 13.51 13.22 -17.12
CA ILE A 434 14.84 13.65 -17.53
C ILE A 434 15.76 12.52 -17.98
N LEU A 435 16.35 12.69 -19.16
CA LEU A 435 17.28 11.72 -19.72
C LEU A 435 18.74 12.07 -19.50
N TYR A 436 19.44 11.19 -18.81
CA TYR A 436 20.85 11.37 -18.51
C TYR A 436 21.70 10.43 -19.35
N ARG A 437 22.63 10.98 -20.10
CA ARG A 437 23.52 10.16 -20.91
C ARG A 437 24.74 9.69 -20.14
N ALA A 438 25.18 8.49 -20.45
CA ALA A 438 26.40 7.95 -19.88
C ALA A 438 27.59 8.28 -20.77
N ARG A 439 28.57 8.90 -20.17
CA ARG A 439 29.76 9.32 -20.87
C ARG A 439 30.78 8.18 -20.97
N PRO A 440 31.68 8.17 -21.99
CA PRO A 440 32.92 7.38 -22.03
C PRO A 440 33.95 7.90 -21.01
N ASP B 1 -0.59 19.23 43.13
CA ASP B 1 -1.87 19.18 42.42
C ASP B 1 -1.64 19.63 40.96
N TYR B 2 -0.81 18.87 40.22
CA TYR B 2 -0.42 19.15 38.84
C TYR B 2 -1.52 18.77 37.84
N PRO B 3 -1.96 19.66 36.94
CA PRO B 3 -2.99 19.47 35.94
C PRO B 3 -2.76 18.33 34.97
N VAL B 4 -3.85 17.70 34.55
CA VAL B 4 -3.81 16.61 33.58
C VAL B 4 -4.82 16.78 32.46
N ASP B 5 -4.37 16.73 31.22
CA ASP B 5 -5.23 16.83 30.05
C ASP B 5 -5.32 15.49 29.33
N LEU B 6 -6.51 14.90 29.33
CA LEU B 6 -6.72 13.58 28.75
C LEU B 6 -7.54 13.64 27.45
N TYR B 7 -7.00 13.10 26.38
CA TYR B 7 -7.74 13.07 25.12
C TYR B 7 -8.10 11.62 24.77
N TYR B 8 -9.39 11.35 24.63
CA TYR B 8 -9.85 9.99 24.37
C TYR B 8 -10.21 9.83 22.89
N LEU B 9 -9.44 9.00 22.18
CA LEU B 9 -9.61 8.82 20.74
C LEU B 9 -10.20 7.45 20.38
N MET B 10 -11.43 7.46 19.87
CA MET B 10 -12.15 6.21 19.61
C MET B 10 -12.18 5.77 18.13
N ASP B 11 -11.87 4.50 17.92
CA ASP B 11 -12.02 3.83 16.63
C ASP B 11 -13.49 3.47 16.40
N LEU B 12 -14.06 3.95 15.30
CA LEU B 12 -15.47 3.66 15.01
C LEU B 12 -15.68 2.75 13.81
N SER B 13 -14.69 1.97 13.44
CA SER B 13 -14.85 1.08 12.28
C SER B 13 -15.81 -0.07 12.59
N ALA B 14 -16.22 -0.82 11.57
CA ALA B 14 -17.19 -1.90 11.76
C ALA B 14 -16.65 -2.96 12.72
N SER B 15 -15.34 -3.16 12.68
CA SER B 15 -14.67 -4.15 13.52
C SER B 15 -14.79 -3.83 15.01
N MET B 16 -15.22 -2.61 15.34
CA MET B 16 -15.38 -2.21 16.73
C MET B 16 -16.76 -2.53 17.26
N ASP B 17 -17.64 -3.11 16.43
CA ASP B 17 -19.00 -3.39 16.86
C ASP B 17 -19.04 -4.28 18.11
N ASP B 18 -18.08 -5.20 18.23
CA ASP B 18 -18.01 -6.11 19.37
C ASP B 18 -17.39 -5.46 20.60
N ASP B 19 -16.66 -4.38 20.37
CA ASP B 19 -15.86 -3.73 21.40
C ASP B 19 -16.51 -2.49 21.99
N LEU B 20 -17.30 -1.81 21.16
CA LEU B 20 -17.83 -0.47 21.46
C LEU B 20 -18.52 -0.35 22.81
N ASN B 21 -19.26 -1.37 23.23
CA ASN B 21 -19.95 -1.23 24.50
C ASN B 21 -18.97 -1.13 25.66
N THR B 22 -17.78 -1.72 25.51
CA THR B 22 -16.83 -1.70 26.60
C THR B 22 -16.00 -0.45 26.52
N ILE B 23 -15.97 0.15 25.33
CA ILE B 23 -15.21 1.35 25.15
C ILE B 23 -15.95 2.49 25.82
N LYS B 24 -17.28 2.48 25.65
CA LYS B 24 -18.11 3.48 26.28
C LYS B 24 -17.98 3.39 27.80
N GLU B 25 -17.90 2.16 28.33
CA GLU B 25 -17.72 1.99 29.77
C GLU B 25 -16.37 2.52 30.21
N LEU B 26 -15.31 2.27 29.44
CA LEU B 26 -14.00 2.81 29.76
C LEU B 26 -14.03 4.32 29.80
N GLY B 27 -14.68 4.92 28.80
CA GLY B 27 -14.76 6.37 28.74
C GLY B 27 -15.35 6.96 30.01
N SER B 28 -16.53 6.49 30.42
CA SER B 28 -17.14 7.06 31.61
C SER B 28 -16.41 6.71 32.90
N ARG B 29 -15.82 5.52 32.96
CA ARG B 29 -15.09 5.13 34.16
C ARG B 29 -13.86 5.99 34.30
N LEU B 30 -13.21 6.26 33.16
CA LEU B 30 -12.04 7.10 33.15
C LEU B 30 -12.38 8.46 33.69
N SER B 31 -13.44 9.06 33.20
CA SER B 31 -13.79 10.39 33.62
C SER B 31 -13.98 10.46 35.13
N LYS B 32 -14.62 9.45 35.69
CA LYS B 32 -14.84 9.43 37.12
C LYS B 32 -13.54 9.27 37.92
N GLU B 33 -12.66 8.37 37.47
CA GLU B 33 -11.40 8.12 38.18
C GLU B 33 -10.38 9.24 38.02
N MET B 34 -10.39 9.93 36.89
CA MET B 34 -9.41 10.99 36.67
C MET B 34 -9.60 12.12 37.67
N SER B 35 -10.81 12.26 38.18
CA SER B 35 -11.15 13.28 39.15
C SER B 35 -10.43 13.05 40.47
N LYS B 36 -9.90 11.85 40.65
CA LYS B 36 -9.21 11.50 41.89
C LYS B 36 -7.73 11.89 41.86
N LEU B 37 -7.21 12.29 40.70
CA LEU B 37 -5.78 12.60 40.62
C LEU B 37 -5.46 14.05 40.92
N THR B 38 -6.28 14.95 40.39
CA THR B 38 -6.05 16.38 40.52
C THR B 38 -7.32 17.17 40.37
N SER B 39 -7.36 18.36 40.96
CA SER B 39 -8.51 19.22 40.74
C SER B 39 -8.43 19.87 39.36
N ASN B 40 -7.23 20.03 38.82
CA ASN B 40 -7.08 20.65 37.51
C ASN B 40 -7.13 19.62 36.40
N PHE B 41 -8.29 19.00 36.26
CA PHE B 41 -8.46 17.94 35.28
C PHE B 41 -9.40 18.28 34.15
N ARG B 42 -8.95 18.06 32.92
CA ARG B 42 -9.78 18.25 31.74
C ARG B 42 -9.66 17.09 30.77
N LEU B 43 -10.74 16.79 30.05
CA LEU B 43 -10.72 15.71 29.08
C LEU B 43 -11.51 16.02 27.81
N GLY B 44 -10.98 15.56 26.67
CA GLY B 44 -11.61 15.76 25.37
C GLY B 44 -11.91 14.46 24.64
N PHE B 45 -12.40 14.60 23.41
CA PHE B 45 -12.81 13.44 22.63
C PHE B 45 -12.77 13.62 21.12
N GLY B 46 -12.39 12.55 20.43
CA GLY B 46 -12.46 12.52 18.97
C GLY B 46 -12.58 11.09 18.47
N SER B 47 -12.66 10.93 17.15
CA SER B 47 -12.84 9.59 16.58
C SER B 47 -12.29 9.47 15.16
N PHE B 48 -12.10 8.22 14.73
CA PHE B 48 -11.60 7.97 13.38
C PHE B 48 -12.09 6.65 12.78
N VAL B 49 -11.99 6.55 11.46
CA VAL B 49 -12.31 5.28 10.80
C VAL B 49 -11.24 4.85 9.79
N GLU B 50 -11.17 5.55 8.65
CA GLU B 50 -10.38 5.09 7.50
C GLU B 50 -10.44 6.15 6.40
N LYS B 51 -9.50 6.12 5.46
CA LYS B 51 -9.62 7.00 4.31
C LYS B 51 -10.73 6.49 3.38
N PRO B 52 -11.74 7.29 3.03
CA PRO B 52 -12.87 6.94 2.19
C PRO B 52 -12.48 6.92 0.72
N VAL B 53 -11.51 6.07 0.38
CA VAL B 53 -10.98 6.01 -0.98
C VAL B 53 -10.86 4.57 -1.47
N SER B 54 -11.24 4.32 -2.72
CA SER B 54 -11.08 2.99 -3.29
C SER B 54 -9.59 2.65 -3.29
N PRO B 55 -9.20 1.40 -3.01
CA PRO B 55 -9.95 0.19 -2.72
C PRO B 55 -10.32 0.00 -1.25
N PHE B 56 -10.15 1.03 -0.43
CA PHE B 56 -10.40 0.88 1.00
C PHE B 56 -11.91 0.92 1.24
N VAL B 57 -12.59 1.68 0.39
CA VAL B 57 -14.04 1.80 0.42
C VAL B 57 -14.63 1.64 -0.99
N LYS B 58 -15.77 0.94 -1.10
CA LYS B 58 -16.43 0.76 -2.38
C LYS B 58 -17.03 2.09 -2.84
N THR B 59 -17.02 2.34 -4.13
CA THR B 59 -17.49 3.62 -4.66
C THR B 59 -18.88 3.59 -5.31
N THR B 60 -19.60 2.49 -5.16
CA THR B 60 -20.95 2.45 -5.67
C THR B 60 -21.79 3.30 -4.70
N PRO B 61 -22.68 4.17 -5.21
CA PRO B 61 -23.40 5.19 -4.45
C PRO B 61 -24.26 4.63 -3.33
N GLU B 62 -24.71 3.39 -3.47
CA GLU B 62 -25.51 2.80 -2.41
C GLU B 62 -24.64 2.54 -1.19
N GLU B 63 -23.42 2.08 -1.44
CA GLU B 63 -22.51 1.72 -0.37
C GLU B 63 -21.82 2.95 0.16
N ILE B 64 -21.65 3.96 -0.69
CA ILE B 64 -21.07 5.19 -0.19
C ILE B 64 -22.01 5.79 0.85
N ALA B 65 -23.29 5.82 0.52
CA ALA B 65 -24.28 6.33 1.46
C ALA B 65 -24.31 5.51 2.74
N ASN B 66 -24.17 4.19 2.61
CA ASN B 66 -24.18 3.28 3.74
C ASN B 66 -23.17 2.14 3.55
N PRO B 67 -21.94 2.25 4.09
CA PRO B 67 -20.83 1.33 3.88
C PRO B 67 -21.06 -0.08 4.48
N CYS B 68 -22.15 -0.27 5.25
CA CYS B 68 -22.58 -1.54 5.82
C CYS B 68 -23.70 -2.15 4.97
N SER B 69 -23.96 -1.51 3.84
CA SER B 69 -25.01 -1.94 2.96
C SER B 69 -24.85 -3.37 2.52
N SER B 70 -26.00 -4.04 2.38
CA SER B 70 -26.12 -5.42 1.93
C SER B 70 -25.72 -6.47 2.97
N ILE B 71 -25.42 -6.05 4.20
CA ILE B 71 -25.21 -7.01 5.27
C ILE B 71 -26.49 -7.78 5.65
N PRO B 72 -27.65 -7.12 5.77
CA PRO B 72 -27.96 -5.70 5.85
C PRO B 72 -27.60 -5.15 7.21
N TYR B 73 -27.28 -3.87 7.25
CA TYR B 73 -26.99 -3.18 8.50
C TYR B 73 -26.84 -1.70 8.17
N PHE B 74 -27.25 -0.83 9.08
CA PHE B 74 -27.02 0.59 8.86
C PHE B 74 -25.89 1.12 9.73
N CYS B 75 -24.96 1.87 9.10
CA CYS B 75 -23.86 2.51 9.80
C CYS B 75 -23.51 3.82 9.11
N LEU B 76 -22.68 4.61 9.78
CA LEU B 76 -22.27 5.92 9.28
C LEU B 76 -21.30 5.78 8.12
N PRO B 77 -21.23 6.79 7.24
CA PRO B 77 -20.32 6.88 6.10
C PRO B 77 -18.89 6.97 6.56
N THR B 78 -17.98 6.49 5.73
CA THR B 78 -16.56 6.48 6.04
C THR B 78 -16.01 7.89 6.08
N PHE B 79 -15.19 8.16 7.09
CA PHE B 79 -14.50 9.43 7.23
C PHE B 79 -13.12 9.14 7.80
N GLY B 80 -12.21 10.09 7.69
CA GLY B 80 -10.88 9.88 8.22
C GLY B 80 -10.84 10.16 9.71
N PHE B 81 -10.62 11.42 10.07
CA PHE B 81 -10.58 11.83 11.47
C PHE B 81 -11.44 13.03 11.77
N LYS B 82 -12.13 12.98 12.91
CA LYS B 82 -12.91 14.10 13.40
C LYS B 82 -12.57 14.48 14.83
N HIS B 83 -12.56 15.79 15.08
CA HIS B 83 -12.38 16.31 16.42
C HIS B 83 -13.72 16.79 16.94
N ILE B 84 -14.15 16.24 18.07
CA ILE B 84 -15.49 16.51 18.53
C ILE B 84 -15.54 17.42 19.74
N LEU B 85 -14.76 17.08 20.76
CA LEU B 85 -14.80 17.80 22.02
C LEU B 85 -13.45 18.33 22.44
N PRO B 86 -13.22 19.64 22.40
CA PRO B 86 -12.04 20.28 22.92
C PRO B 86 -11.99 19.87 24.37
N LEU B 87 -10.82 19.56 24.89
CA LEU B 87 -10.84 19.06 26.25
C LEU B 87 -11.38 20.10 27.21
N THR B 88 -12.28 19.63 28.06
CA THR B 88 -13.02 20.46 28.99
C THR B 88 -13.10 19.97 30.43
N ASN B 89 -13.67 20.81 31.28
CA ASN B 89 -13.91 20.47 32.69
C ASN B 89 -15.28 19.86 32.85
N ASP B 90 -16.04 19.90 31.77
CA ASP B 90 -17.40 19.41 31.79
C ASP B 90 -17.43 17.91 31.58
N ALA B 91 -17.19 17.18 32.66
CA ALA B 91 -17.14 15.72 32.63
C ALA B 91 -18.47 15.14 32.16
N GLU B 92 -19.55 15.81 32.50
CA GLU B 92 -20.85 15.29 32.11
C GLU B 92 -21.01 15.37 30.60
N ARG B 93 -20.51 16.44 29.99
CA ARG B 93 -20.59 16.58 28.55
C ARG B 93 -19.80 15.47 27.87
N PHE B 94 -18.64 15.15 28.43
CA PHE B 94 -17.82 14.09 27.88
C PHE B 94 -18.60 12.78 27.82
N ASN B 95 -19.23 12.41 28.94
CA ASN B 95 -19.96 11.16 28.97
C ASN B 95 -21.11 11.14 27.98
N GLU B 96 -21.82 12.26 27.85
CA GLU B 96 -22.95 12.30 26.93
C GLU B 96 -22.50 12.09 25.49
N ILE B 97 -21.36 12.64 25.13
CA ILE B 97 -20.85 12.46 23.78
C ILE B 97 -20.43 11.02 23.52
N VAL B 98 -19.69 10.44 24.44
CA VAL B 98 -19.19 9.09 24.25
C VAL B 98 -20.35 8.10 24.12
N LYS B 99 -21.36 8.27 24.96
CA LYS B 99 -22.51 7.37 24.95
C LYS B 99 -23.28 7.35 23.64
N ASN B 100 -23.15 8.40 22.82
CA ASN B 100 -23.91 8.50 21.58
C ASN B 100 -23.12 8.19 20.33
N GLN B 101 -21.94 7.61 20.49
CA GLN B 101 -21.14 7.27 19.32
C GLN B 101 -21.72 6.07 18.57
N LYS B 102 -21.61 6.10 17.24
CA LYS B 102 -22.14 5.04 16.39
C LYS B 102 -21.11 4.45 15.46
N ILE B 103 -21.37 3.23 15.02
CA ILE B 103 -20.52 2.49 14.10
C ILE B 103 -20.47 3.08 12.69
N SER B 104 -19.26 3.05 12.12
CA SER B 104 -18.94 3.40 10.74
C SER B 104 -18.35 2.15 10.10
N ALA B 105 -17.91 2.22 8.84
CA ALA B 105 -17.33 1.01 8.25
C ALA B 105 -16.39 1.29 7.08
N ASN B 106 -15.52 0.32 6.80
CA ASN B 106 -14.66 0.31 5.62
C ASN B 106 -14.44 -1.14 5.18
N ILE B 107 -13.59 -1.39 4.19
CA ILE B 107 -13.43 -2.78 3.72
C ILE B 107 -12.26 -3.53 4.37
N ASP B 108 -11.07 -2.94 4.39
CA ASP B 108 -9.91 -3.71 4.85
C ASP B 108 -9.70 -3.68 6.37
N THR B 109 -8.96 -4.70 6.84
CA THR B 109 -8.68 -4.92 8.25
C THR B 109 -7.97 -3.79 9.02
N PRO B 110 -6.85 -3.22 8.54
CA PRO B 110 -6.17 -2.12 9.18
C PRO B 110 -7.02 -0.87 9.09
N GLU B 111 -6.80 0.05 10.03
CA GLU B 111 -7.57 1.30 10.07
C GLU B 111 -6.71 2.56 9.92
N GLY B 112 -7.38 3.72 9.92
CA GLY B 112 -6.73 5.04 9.77
C GLY B 112 -6.32 5.67 11.09
N GLY B 113 -5.98 4.84 12.06
CA GLY B 113 -5.62 5.30 13.39
C GLY B 113 -4.43 6.24 13.42
N PHE B 114 -3.47 6.04 12.53
CA PHE B 114 -2.28 6.88 12.55
C PHE B 114 -2.57 8.30 12.06
N ASP B 115 -3.57 8.49 11.19
CA ASP B 115 -3.90 9.85 10.78
C ASP B 115 -4.50 10.58 11.97
N ALA B 116 -5.35 9.85 12.70
CA ALA B 116 -6.03 10.40 13.86
C ALA B 116 -5.07 10.80 14.97
N ILE B 117 -4.04 9.98 15.20
CA ILE B 117 -3.08 10.30 16.23
C ILE B 117 -2.32 11.56 15.86
N MET B 118 -1.91 11.66 14.60
CA MET B 118 -1.17 12.83 14.17
C MET B 118 -1.96 14.12 14.34
N GLN B 119 -3.23 14.13 13.92
CA GLN B 119 -3.99 15.36 14.04
C GLN B 119 -4.32 15.70 15.49
N ALA B 120 -4.66 14.69 16.28
CA ALA B 120 -5.02 14.94 17.67
C ALA B 120 -3.85 15.52 18.46
N ALA B 121 -2.64 15.02 18.19
CA ALA B 121 -1.46 15.51 18.88
C ALA B 121 -1.00 16.87 18.38
N VAL B 122 -1.14 17.11 17.06
CA VAL B 122 -0.66 18.34 16.44
C VAL B 122 -1.56 19.58 16.58
N CYS B 123 -2.88 19.44 16.45
CA CYS B 123 -3.83 20.55 16.45
C CYS B 123 -4.06 21.11 17.86
N LYS B 124 -3.01 21.65 18.46
CA LYS B 124 -3.10 22.16 19.83
C LYS B 124 -4.17 23.23 19.96
N GLU B 125 -4.30 24.07 18.95
CA GLU B 125 -5.22 25.19 18.97
C GLU B 125 -6.68 24.78 19.01
N LYS B 126 -6.99 23.55 18.60
CA LYS B 126 -8.37 23.12 18.55
C LYS B 126 -8.67 22.05 19.61
N ILE B 127 -7.64 21.40 20.11
CA ILE B 127 -7.82 20.38 21.14
C ILE B 127 -7.77 21.04 22.52
N GLY B 128 -6.88 22.02 22.69
CA GLY B 128 -6.83 22.72 23.96
C GLY B 128 -5.80 22.19 24.95
N TRP B 129 -4.77 21.52 24.47
CA TRP B 129 -3.75 21.02 25.38
C TRP B 129 -3.16 22.20 26.15
N ARG B 130 -3.02 22.07 27.47
CA ARG B 130 -2.42 23.15 28.27
C ARG B 130 -0.91 23.24 28.12
N ASN B 131 -0.38 24.42 28.40
CA ASN B 131 1.07 24.63 28.37
C ASN B 131 1.78 23.92 29.53
N ASP B 132 1.10 23.75 30.66
CA ASP B 132 1.72 23.16 31.85
C ASP B 132 0.86 22.05 32.45
N SER B 133 0.88 20.89 31.80
CA SER B 133 0.07 19.75 32.23
C SER B 133 0.61 18.47 31.62
N LEU B 134 0.13 17.33 32.09
CA LEU B 134 0.44 16.10 31.38
C LEU B 134 -0.43 16.02 30.15
N HIS B 135 0.12 15.52 29.05
CA HIS B 135 -0.68 15.34 27.85
C HIS B 135 -0.82 13.87 27.54
N LEU B 136 -1.99 13.34 27.81
CA LEU B 136 -2.22 11.92 27.64
C LEU B 136 -3.18 11.65 26.50
N LEU B 137 -2.74 10.83 25.55
CA LEU B 137 -3.56 10.49 24.39
C LEU B 137 -3.88 9.01 24.45
N VAL B 138 -5.15 8.67 24.61
CA VAL B 138 -5.55 7.28 24.70
C VAL B 138 -6.13 6.81 23.38
N PHE B 139 -5.46 5.86 22.77
CA PHE B 139 -5.84 5.31 21.48
C PHE B 139 -6.56 3.99 21.62
N VAL B 140 -7.82 3.96 21.21
CA VAL B 140 -8.62 2.75 21.34
C VAL B 140 -8.99 2.10 20.01
N SER B 141 -8.59 0.85 19.83
CA SER B 141 -8.89 0.13 18.58
C SER B 141 -8.78 -1.38 18.78
N ASP B 142 -9.20 -2.17 17.80
CA ASP B 142 -9.02 -3.61 17.88
C ASP B 142 -8.29 -4.14 16.66
N ALA B 143 -7.52 -3.29 16.01
CA ALA B 143 -6.85 -3.67 14.77
C ALA B 143 -5.56 -2.89 14.54
N ASP B 144 -4.80 -3.37 13.58
CA ASP B 144 -3.56 -2.75 13.14
C ASP B 144 -3.92 -1.54 12.28
N SER B 145 -2.93 -0.84 11.79
CA SER B 145 -3.21 0.37 11.03
C SER B 145 -2.37 0.49 9.78
N HIS B 146 -2.86 1.35 8.90
CA HIS B 146 -2.12 1.72 7.70
C HIS B 146 -1.06 2.73 8.05
N PHE B 147 -0.01 2.76 7.27
CA PHE B 147 1.03 3.76 7.46
C PHE B 147 1.60 4.19 6.12
N GLY B 148 2.40 5.25 6.14
CA GLY B 148 2.89 5.84 4.89
C GLY B 148 3.36 4.78 3.91
N MET B 149 3.01 5.02 2.64
CA MET B 149 3.25 4.18 1.46
C MET B 149 2.10 3.19 1.19
N ASP B 150 1.34 2.82 2.21
CA ASP B 150 0.20 1.91 2.02
C ASP B 150 -0.92 2.56 1.20
N SER B 151 -0.91 3.88 1.17
CA SER B 151 -1.92 4.64 0.45
C SER B 151 -1.66 4.68 -1.06
N LYS B 152 -0.49 4.19 -1.49
CA LYS B 152 -0.16 4.19 -2.91
C LYS B 152 -1.21 3.44 -3.69
N LEU B 153 -1.75 2.37 -3.11
CA LEU B 153 -2.76 1.53 -3.73
C LEU B 153 -4.04 2.32 -4.04
N ALA B 154 -4.26 3.40 -3.29
CA ALA B 154 -5.46 4.21 -3.42
C ALA B 154 -5.21 5.41 -4.35
N GLY B 155 -4.01 5.49 -4.91
CA GLY B 155 -3.67 6.60 -5.79
C GLY B 155 -3.20 7.83 -5.02
N ILE B 156 -2.80 7.64 -3.77
CA ILE B 156 -2.34 8.76 -2.97
C ILE B 156 -0.84 8.69 -2.81
N VAL B 157 -0.14 9.65 -3.40
CA VAL B 157 1.33 9.64 -3.38
C VAL B 157 1.99 10.93 -2.84
N CYS B 158 1.24 11.72 -2.05
CA CYS B 158 1.70 13.00 -1.45
C CYS B 158 1.91 12.81 0.07
N PRO B 159 3.17 12.74 0.54
CA PRO B 159 3.57 12.43 1.91
C PRO B 159 2.90 13.33 2.95
N ASN B 160 2.61 12.75 4.11
CA ASN B 160 1.98 13.49 5.19
C ASN B 160 2.95 14.57 5.67
N ASP B 161 2.45 15.79 5.82
CA ASP B 161 3.29 16.91 6.22
C ASP B 161 3.41 17.10 7.72
N GLY B 162 2.63 16.35 8.50
CA GLY B 162 2.67 16.46 9.96
C GLY B 162 2.02 17.75 10.47
N LEU B 163 1.21 18.39 9.64
CA LEU B 163 0.57 19.65 10.01
C LEU B 163 -0.91 19.47 10.33
N CYS B 164 -1.47 20.43 11.09
CA CYS B 164 -2.89 20.45 11.43
C CYS B 164 -3.73 20.89 10.25
N HIS B 165 -4.74 20.09 9.91
CA HIS B 165 -5.64 20.42 8.82
C HIS B 165 -7.09 20.16 9.17
N LEU B 166 -7.59 20.83 10.21
CA LEU B 166 -8.98 20.65 10.59
C LEU B 166 -9.81 21.84 10.17
N ASP B 167 -10.85 21.57 9.41
CA ASP B 167 -11.71 22.61 8.86
C ASP B 167 -12.81 23.01 9.85
N SER B 168 -13.77 23.79 9.37
CA SER B 168 -14.86 24.31 10.18
C SER B 168 -15.80 23.24 10.70
N LYS B 169 -15.71 22.03 10.15
CA LYS B 169 -16.54 20.91 10.58
C LYS B 169 -15.73 20.00 11.48
N ASN B 170 -14.51 20.44 11.78
CA ASN B 170 -13.53 19.70 12.55
C ASN B 170 -13.18 18.39 11.89
N GLU B 171 -13.15 18.40 10.55
CA GLU B 171 -12.78 17.20 9.82
C GLU B 171 -11.38 17.35 9.25
N TYR B 172 -10.69 16.22 9.12
CA TYR B 172 -9.38 16.23 8.51
C TYR B 172 -9.52 16.39 7.00
N SER B 173 -9.26 17.60 6.54
CA SER B 173 -9.54 18.00 5.16
C SER B 173 -8.59 17.39 4.15
N MET B 174 -7.47 16.86 4.63
CA MET B 174 -6.47 16.29 3.76
C MET B 174 -6.54 14.76 3.79
N SER B 175 -7.60 14.22 4.38
CA SER B 175 -7.74 12.77 4.51
C SER B 175 -7.53 12.03 3.20
N THR B 176 -8.07 12.54 2.11
CA THR B 176 -7.98 11.85 0.83
C THR B 176 -6.89 12.40 -0.07
N VAL B 177 -6.09 13.32 0.47
CA VAL B 177 -5.04 13.95 -0.31
C VAL B 177 -3.65 13.46 0.08
N LEU B 178 -3.40 13.38 1.38
CA LEU B 178 -2.08 13.01 1.87
C LEU B 178 -2.00 11.55 2.29
N GLU B 179 -0.79 11.03 2.25
CA GLU B 179 -0.47 9.67 2.66
C GLU B 179 -0.67 9.52 4.15
N TYR B 180 -0.88 8.29 4.58
CA TYR B 180 -0.89 8.00 6.00
C TYR B 180 0.50 8.38 6.50
N PRO B 181 0.66 8.87 7.72
CA PRO B 181 1.94 9.21 8.29
C PRO B 181 2.72 7.94 8.58
N THR B 182 4.01 8.07 8.69
CA THR B 182 4.87 6.99 9.08
C THR B 182 5.12 7.02 10.58
N ILE B 183 5.67 5.94 11.13
CA ILE B 183 5.98 5.95 12.55
C ILE B 183 7.06 6.98 12.86
N GLY B 184 8.06 7.10 12.00
CA GLY B 184 9.10 8.08 12.26
C GLY B 184 8.50 9.47 12.42
N GLN B 185 7.49 9.77 11.61
CA GLN B 185 6.80 11.06 11.72
C GLN B 185 5.98 11.17 12.99
N LEU B 186 5.29 10.09 13.38
CA LEU B 186 4.50 10.14 14.61
C LEU B 186 5.41 10.36 15.80
N ILE B 187 6.57 9.73 15.81
CA ILE B 187 7.49 9.91 16.91
C ILE B 187 7.97 11.34 16.96
N ASP B 188 8.36 11.86 15.81
CA ASP B 188 8.87 13.22 15.77
C ASP B 188 7.86 14.19 16.39
N LYS B 189 6.60 14.08 16.00
CA LYS B 189 5.60 15.01 16.52
C LYS B 189 5.12 14.70 17.94
N LEU B 190 5.01 13.42 18.30
CA LEU B 190 4.57 13.11 19.66
C LEU B 190 5.60 13.63 20.65
N VAL B 191 6.88 13.56 20.29
CA VAL B 191 7.90 14.09 21.17
C VAL B 191 7.83 15.61 21.23
N GLN B 192 7.71 16.27 20.07
CA GLN B 192 7.62 17.72 20.02
C GLN B 192 6.41 18.24 20.78
N ASN B 193 5.32 17.48 20.72
CA ASN B 193 4.10 17.88 21.38
C ASN B 193 4.02 17.40 22.81
N ASN B 194 5.07 16.72 23.28
CA ASN B 194 5.11 16.18 24.64
C ASN B 194 3.89 15.32 24.97
N VAL B 195 3.51 14.45 24.04
CA VAL B 195 2.34 13.59 24.24
C VAL B 195 2.71 12.15 24.54
N LEU B 196 2.11 11.61 25.59
CA LEU B 196 2.30 10.21 25.93
C LEU B 196 1.17 9.38 25.34
N LEU B 197 1.55 8.44 24.48
CA LEU B 197 0.58 7.63 23.74
C LEU B 197 0.31 6.25 24.35
N ILE B 198 -0.97 5.99 24.65
CA ILE B 198 -1.38 4.72 25.23
C ILE B 198 -2.18 3.90 24.23
N PHE B 199 -1.75 2.66 23.97
CA PHE B 199 -2.46 1.81 23.02
C PHE B 199 -3.32 0.77 23.72
N ALA B 200 -4.64 0.95 23.67
CA ALA B 200 -5.57 0.01 24.29
C ALA B 200 -6.17 -0.90 23.24
N VAL B 201 -5.67 -2.12 23.14
CA VAL B 201 -6.10 -3.03 22.08
C VAL B 201 -6.48 -4.39 22.63
N THR B 202 -7.13 -5.22 21.80
CA THR B 202 -7.54 -6.56 22.23
C THR B 202 -6.36 -7.52 22.20
N GLN B 203 -6.51 -8.67 22.86
CA GLN B 203 -5.41 -9.61 23.09
C GLN B 203 -4.55 -9.94 21.89
N GLU B 204 -5.19 -10.36 20.80
CA GLU B 204 -4.45 -10.80 19.62
C GLU B 204 -3.60 -9.69 19.02
N GLN B 205 -4.01 -8.46 19.28
CA GLN B 205 -3.41 -7.28 18.70
C GLN B 205 -2.37 -6.63 19.64
N VAL B 206 -2.21 -7.17 20.86
CA VAL B 206 -1.33 -6.52 21.83
C VAL B 206 0.14 -6.61 21.47
N HIS B 207 0.60 -7.77 21.07
CA HIS B 207 2.01 -7.98 20.79
C HIS B 207 2.50 -7.02 19.72
N LEU B 208 1.71 -6.84 18.68
CA LEU B 208 2.08 -5.98 17.58
C LEU B 208 2.25 -4.54 18.07
N TYR B 209 1.30 -4.05 18.87
CA TYR B 209 1.44 -2.70 19.36
C TYR B 209 2.55 -2.58 20.39
N GLU B 210 2.84 -3.67 21.11
CA GLU B 210 3.97 -3.62 22.03
C GLU B 210 5.25 -3.36 21.24
N ASN B 211 5.38 -4.02 20.08
CA ASN B 211 6.55 -3.79 19.25
C ASN B 211 6.62 -2.33 18.81
N TYR B 212 5.47 -1.74 18.49
CA TYR B 212 5.48 -0.33 18.10
C TYR B 212 5.88 0.55 19.30
N ALA B 213 5.37 0.20 20.48
CA ALA B 213 5.67 0.97 21.69
C ALA B 213 7.17 0.98 21.97
N LYS B 214 7.85 -0.10 21.63
CA LYS B 214 9.30 -0.15 21.82
C LYS B 214 10.04 0.84 20.91
N LEU B 215 9.38 1.30 19.85
CA LEU B 215 9.98 2.26 18.94
C LEU B 215 9.58 3.67 19.34
N ILE B 216 8.35 3.81 19.83
CA ILE B 216 7.81 5.13 20.15
C ILE B 216 8.02 5.48 21.61
N PRO B 217 8.91 6.43 21.93
CA PRO B 217 9.31 6.74 23.28
C PRO B 217 8.12 7.28 24.03
N GLY B 218 7.96 6.82 25.26
CA GLY B 218 6.89 7.32 26.11
C GLY B 218 5.59 6.55 25.90
N ALA B 219 5.57 5.67 24.90
CA ALA B 219 4.36 4.92 24.62
C ALA B 219 4.23 3.72 25.54
N THR B 220 3.00 3.42 25.88
CA THR B 220 2.70 2.23 26.66
C THR B 220 1.57 1.47 26.02
N VAL B 221 1.39 0.23 26.43
CA VAL B 221 0.30 -0.56 25.91
C VAL B 221 -0.49 -1.18 27.02
N GLY B 222 -1.69 -1.61 26.69
CA GLY B 222 -2.51 -2.34 27.64
C GLY B 222 -3.57 -3.12 26.91
N LEU B 223 -4.27 -3.95 27.65
CA LEU B 223 -5.28 -4.81 27.09
C LEU B 223 -6.67 -4.24 27.30
N LEU B 224 -7.45 -4.20 26.25
CA LEU B 224 -8.81 -3.71 26.38
C LEU B 224 -9.64 -4.84 26.96
N GLN B 225 -10.00 -4.66 28.23
CA GLN B 225 -10.73 -5.65 29.00
C GLN B 225 -12.04 -5.07 29.47
N LYS B 226 -12.99 -5.94 29.79
CA LYS B 226 -14.22 -5.48 30.43
C LYS B 226 -13.83 -4.84 31.76
N ASP B 227 -12.80 -5.41 32.41
CA ASP B 227 -12.26 -4.83 33.62
C ASP B 227 -11.23 -3.78 33.19
N SER B 228 -11.76 -2.73 32.58
CA SER B 228 -11.01 -1.69 31.89
C SER B 228 -10.13 -0.87 32.81
N GLY B 229 -10.33 -1.03 34.10
CA GLY B 229 -9.55 -0.31 35.11
C GLY B 229 -8.06 -0.63 35.00
N ASN B 230 -7.73 -1.74 34.34
CA ASN B 230 -6.34 -2.13 34.15
C ASN B 230 -5.60 -1.15 33.24
N ILE B 231 -6.36 -0.40 32.43
CA ILE B 231 -5.78 0.62 31.57
C ILE B 231 -5.62 1.88 32.38
N LEU B 232 -6.61 2.16 33.21
CA LEU B 232 -6.57 3.36 34.03
C LEU B 232 -5.36 3.29 34.95
N GLN B 233 -4.97 2.08 35.34
CA GLN B 233 -3.79 1.91 36.16
C GLN B 233 -2.53 2.47 35.47
N LEU B 234 -2.47 2.42 34.14
CA LEU B 234 -1.32 2.97 33.45
C LEU B 234 -1.32 4.47 33.61
N ILE B 235 -2.52 5.05 33.48
CA ILE B 235 -2.71 6.48 33.59
C ILE B 235 -2.40 6.96 34.99
N ILE B 236 -2.84 6.20 35.98
CA ILE B 236 -2.62 6.55 37.36
C ILE B 236 -1.14 6.50 37.72
N SER B 237 -0.44 5.43 37.33
CA SER B 237 0.98 5.35 37.68
C SER B 237 1.78 6.42 36.96
N ALA B 238 1.33 6.82 35.78
CA ALA B 238 1.99 7.85 34.98
C ALA B 238 1.91 9.22 35.65
N TYR B 239 1.02 9.35 36.62
CA TYR B 239 0.76 10.61 37.29
C TYR B 239 1.74 10.89 38.41
N GLU B 240 2.47 9.87 38.85
CA GLU B 240 3.38 10.07 39.95
C GLU B 240 4.50 11.02 39.59
N GLU B 241 4.99 10.93 38.35
CA GLU B 241 6.10 11.76 37.90
C GLU B 241 7.32 11.60 38.83
N LEU B 242 7.67 12.65 39.63
CA LEU B 242 8.83 12.68 40.53
C LEU B 242 10.13 12.62 39.73
N CYS C 1 -19.74 -33.81 12.33
CA CYS C 1 -19.16 -32.91 11.33
C CYS C 1 -18.90 -31.55 11.89
N VAL C 2 -18.00 -30.81 11.23
CA VAL C 2 -17.59 -29.48 11.61
C VAL C 2 -17.63 -28.52 10.43
N VAL C 3 -18.25 -27.37 10.62
CA VAL C 3 -18.22 -26.33 9.59
C VAL C 3 -17.56 -25.07 10.13
N ARG C 4 -16.51 -24.65 9.44
CA ARG C 4 -15.74 -23.47 9.86
C ARG C 4 -15.97 -22.29 8.93
N PHE C 5 -16.51 -21.21 9.49
CA PHE C 5 -16.78 -20.01 8.70
C PHE C 5 -15.76 -18.93 9.00
N VAL C 6 -14.99 -18.57 8.01
CA VAL C 6 -13.92 -17.59 8.18
C VAL C 6 -14.33 -16.25 7.60
N PHE C 7 -14.33 -15.22 8.44
CA PHE C 7 -14.76 -13.91 8.02
C PHE C 7 -13.54 -13.02 7.89
N ARG C 8 -13.55 -12.13 6.91
CA ARG C 8 -12.39 -11.29 6.69
C ARG C 8 -12.79 -9.83 6.47
N GLY C 9 -11.86 -8.92 6.80
CA GLY C 9 -12.06 -7.49 6.57
C GLY C 9 -12.75 -6.79 7.75
N ASP C 10 -13.00 -5.50 7.60
CA ASP C 10 -13.57 -4.71 8.70
C ASP C 10 -14.99 -5.14 9.02
N LEU C 11 -15.70 -5.65 8.03
CA LEU C 11 -17.09 -6.03 8.22
C LEU C 11 -17.18 -7.44 8.78
N ALA C 12 -16.05 -8.07 9.03
CA ALA C 12 -16.05 -9.45 9.50
C ALA C 12 -16.89 -9.62 10.76
N GLU C 13 -16.87 -8.63 11.65
CA GLU C 13 -17.62 -8.75 12.89
C GLU C 13 -19.12 -8.70 12.64
N LEU C 14 -19.53 -7.85 11.70
CA LEU C 14 -20.96 -7.69 11.41
C LEU C 14 -21.46 -8.90 10.65
N MET C 15 -20.63 -9.45 9.78
CA MET C 15 -21.01 -10.62 9.02
C MET C 15 -21.10 -11.81 9.93
N LEU C 16 -20.12 -11.96 10.82
CA LEU C 16 -20.12 -13.09 11.72
C LEU C 16 -21.34 -12.98 12.60
N ARG C 17 -21.60 -11.80 13.12
CA ARG C 17 -22.75 -11.60 13.97
C ARG C 17 -24.03 -12.01 13.26
N ALA C 18 -24.20 -11.56 12.02
CA ALA C 18 -25.41 -11.91 11.27
C ALA C 18 -25.52 -13.42 11.05
N VAL C 19 -24.40 -14.05 10.73
CA VAL C 19 -24.39 -15.49 10.51
C VAL C 19 -24.66 -16.23 11.80
N LYS C 20 -24.03 -15.79 12.88
CA LYS C 20 -24.18 -16.42 14.17
C LYS C 20 -25.62 -16.36 14.62
N ASP C 21 -26.28 -15.22 14.43
CA ASP C 21 -27.67 -15.11 14.82
C ASP C 21 -28.52 -16.06 14.00
N HIS C 22 -28.21 -16.16 12.71
CA HIS C 22 -28.93 -17.08 11.84
C HIS C 22 -28.75 -18.50 12.34
N LEU C 23 -27.51 -18.87 12.65
CA LEU C 23 -27.24 -20.22 13.11
C LEU C 23 -27.95 -20.53 14.41
N LYS C 24 -28.03 -19.58 15.32
CA LYS C 24 -28.75 -19.83 16.56
C LYS C 24 -30.21 -20.15 16.29
N LYS C 25 -30.80 -19.47 15.31
CA LYS C 25 -32.19 -19.71 14.97
C LYS C 25 -32.38 -21.06 14.28
N GLU C 26 -31.47 -21.39 13.39
CA GLU C 26 -31.54 -22.65 12.63
C GLU C 26 -31.17 -23.86 13.47
N GLY C 27 -30.25 -23.69 14.39
CA GLY C 27 -29.74 -24.77 15.21
C GLY C 27 -29.35 -24.31 16.61
N PRO C 28 -30.33 -23.98 17.44
CA PRO C 28 -30.19 -23.48 18.80
C PRO C 28 -29.56 -24.51 19.74
N HIS C 29 -29.52 -25.77 19.29
CA HIS C 29 -28.96 -26.83 20.11
C HIS C 29 -27.60 -27.30 19.59
N TRP C 30 -27.01 -26.53 18.69
CA TRP C 30 -25.68 -26.84 18.16
C TRP C 30 -24.59 -26.22 19.00
N ASN C 31 -23.42 -26.82 18.97
CA ASN C 31 -22.29 -26.23 19.64
C ASN C 31 -21.65 -25.21 18.71
N ILE C 32 -21.92 -23.94 18.98
CA ILE C 32 -21.45 -22.85 18.13
C ILE C 32 -20.45 -22.01 18.89
N THR C 33 -19.21 -22.02 18.45
CA THR C 33 -18.15 -21.34 19.19
C THR C 33 -17.43 -20.28 18.38
N SER C 34 -17.20 -19.14 19.01
CA SER C 34 -16.42 -18.06 18.41
C SER C 34 -14.94 -18.28 18.67
N THR C 35 -14.16 -18.35 17.61
CA THR C 35 -12.74 -18.64 17.70
C THR C 35 -11.94 -17.54 17.02
N ASN C 36 -10.61 -17.59 17.18
CA ASN C 36 -9.72 -16.60 16.55
C ASN C 36 -10.15 -15.19 16.90
N ASN C 37 -10.49 -15.00 18.17
CA ASN C 37 -10.88 -13.71 18.72
C ASN C 37 -11.95 -13.00 17.92
N GLY C 38 -12.94 -13.75 17.42
CA GLY C 38 -14.08 -13.15 16.73
C GLY C 38 -13.94 -13.15 15.21
N LYS C 39 -12.84 -13.66 14.68
CA LYS C 39 -12.69 -13.67 13.23
C LYS C 39 -13.19 -14.97 12.58
N GLU C 40 -13.41 -16.01 13.38
CA GLU C 40 -13.87 -17.29 12.83
C GLU C 40 -14.98 -17.89 13.68
N LEU C 41 -15.99 -18.45 13.02
CA LEU C 41 -17.10 -19.07 13.74
C LEU C 41 -17.19 -20.54 13.40
N VAL C 42 -17.21 -21.40 14.41
CA VAL C 42 -17.21 -22.82 14.13
C VAL C 42 -18.39 -23.57 14.72
N VAL C 43 -19.02 -24.36 13.86
CA VAL C 43 -20.16 -25.17 14.27
C VAL C 43 -19.81 -26.65 14.23
N ARG C 44 -19.99 -27.33 15.35
CA ARG C 44 -19.67 -28.75 15.41
C ARG C 44 -20.76 -29.53 16.12
N GLY C 45 -20.84 -30.82 15.82
CA GLY C 45 -21.84 -31.68 16.45
C GLY C 45 -23.04 -31.80 15.54
N ILE C 46 -22.76 -31.74 14.25
CA ILE C 46 -23.74 -31.78 13.19
C ILE C 46 -23.52 -33.01 12.29
N HIS C 47 -24.53 -33.39 11.50
CA HIS C 47 -24.40 -34.63 10.74
C HIS C 47 -24.77 -34.58 9.26
N GLU C 48 -24.05 -33.80 8.47
CA GLU C 48 -24.17 -33.80 7.01
C GLU C 48 -25.61 -33.51 6.57
N SER C 49 -26.25 -32.60 7.29
CA SER C 49 -27.60 -32.17 7.00
C SER C 49 -27.59 -30.66 6.87
N ASP C 50 -27.12 -30.00 7.91
CA ASP C 50 -27.03 -28.56 7.94
C ASP C 50 -25.97 -28.12 6.93
N ALA C 51 -25.04 -29.02 6.65
CA ALA C 51 -23.96 -28.77 5.72
C ALA C 51 -24.48 -28.40 4.35
N LYS C 52 -25.69 -28.85 4.05
CA LYS C 52 -26.36 -28.65 2.78
C LYS C 52 -27.19 -27.37 2.80
N ARG C 53 -27.28 -26.75 3.96
CA ARG C 53 -28.13 -25.59 4.15
C ARG C 53 -27.37 -24.37 4.66
N ILE C 54 -26.68 -24.51 5.78
CA ILE C 54 -26.04 -23.36 6.40
C ILE C 54 -24.79 -22.98 5.64
N ALA C 55 -24.08 -23.97 5.14
CA ALA C 55 -22.88 -23.66 4.38
C ALA C 55 -23.29 -22.94 3.11
N LYS C 56 -24.38 -23.40 2.52
CA LYS C 56 -24.87 -22.83 1.28
C LYS C 56 -25.48 -21.46 1.52
N TRP C 57 -26.22 -21.32 2.61
CA TRP C 57 -26.88 -20.06 2.94
C TRP C 57 -25.85 -18.97 3.07
N VAL C 58 -24.75 -19.25 3.76
CA VAL C 58 -23.74 -18.24 3.93
C VAL C 58 -23.09 -17.91 2.59
N GLU C 59 -22.75 -18.91 1.79
CA GLU C 59 -22.14 -18.61 0.50
C GLU C 59 -23.07 -17.81 -0.41
N LYS C 60 -24.35 -18.15 -0.37
CA LYS C 60 -25.31 -17.45 -1.21
C LYS C 60 -25.58 -16.03 -0.75
N ARG C 61 -25.73 -15.83 0.57
CA ARG C 61 -26.10 -14.52 1.05
C ARG C 61 -24.86 -13.65 1.28
N PHE C 62 -23.74 -14.30 1.62
CA PHE C 62 -22.46 -13.63 1.88
C PHE C 62 -21.32 -14.29 1.10
N PRO C 63 -21.25 -14.14 -0.23
CA PRO C 63 -20.30 -14.78 -1.12
C PRO C 63 -18.85 -14.67 -0.68
N ARG C 64 -18.52 -13.55 -0.04
CA ARG C 64 -17.16 -13.29 0.40
C ARG C 64 -16.68 -14.12 1.61
N VAL C 65 -17.60 -14.82 2.28
CA VAL C 65 -17.24 -15.62 3.45
C VAL C 65 -16.73 -16.99 3.04
N HIS C 66 -15.59 -17.39 3.59
CA HIS C 66 -14.97 -18.67 3.26
C HIS C 66 -15.47 -19.78 4.17
N THR C 67 -15.85 -20.90 3.57
CA THR C 67 -16.37 -22.00 4.38
C THR C 67 -15.62 -23.31 4.15
N GLU C 68 -15.21 -23.93 5.24
CA GLU C 68 -14.56 -25.24 5.20
C GLU C 68 -15.34 -26.30 5.97
N THR C 69 -15.68 -27.40 5.29
CA THR C 69 -16.45 -28.47 5.92
C THR C 69 -15.64 -29.74 6.10
N GLN C 70 -15.68 -30.30 7.31
CA GLN C 70 -15.02 -31.56 7.61
C GLN C 70 -16.02 -32.54 8.25
N CYS C 71 -15.91 -33.83 7.89
CA CYS C 71 -16.73 -34.91 8.46
C CYS C 71 -15.88 -36.12 8.77
N ASP C 72 -16.34 -36.91 9.73
CA ASP C 72 -15.67 -38.15 10.14
C ASP C 72 -16.60 -39.33 9.88
C1 NAG D . 7.88 -18.37 2.20
C2 NAG D . 8.14 -19.92 2.20
C3 NAG D . 6.87 -20.62 1.68
C4 NAG D . 5.66 -20.27 2.59
C5 NAG D . 5.50 -18.72 2.60
C6 NAG D . 4.39 -18.24 3.51
C7 NAG D . 10.47 -20.50 1.70
C8 NAG D . 11.54 -20.81 0.71
N2 NAG D . 9.23 -20.24 1.28
O3 NAG D . 7.09 -22.03 1.70
O4 NAG D . 4.52 -20.85 1.95
O5 NAG D . 6.75 -18.07 3.05
O6 NAG D . 4.55 -18.71 4.85
O7 NAG D . 10.75 -20.48 2.91
H1 NAG D . 7.66 -18.02 1.18
H2 NAG D . 8.36 -20.25 3.22
H3 NAG D . 6.67 -20.31 0.65
H4 NAG D . 5.84 -20.67 3.61
H5 NAG D . 5.27 -18.37 1.58
H61 NAG D . 3.41 -18.58 3.13
H62 NAG D . 4.40 -17.13 3.54
H81 NAG D . 11.32 -20.31 -0.24
H82 NAG D . 11.55 -21.89 0.50
H83 NAG D . 12.52 -20.53 1.11
HN2 NAG D . 9.06 -20.22 0.29
HO3 NAG D . 6.29 -22.51 1.41
HO6 NAG D . 3.81 -19.31 5.10
C1 NAG D . 3.64 -21.68 2.84
C2 NAG D . 2.45 -22.18 1.96
C3 NAG D . 1.48 -22.97 2.87
C4 NAG D . 2.25 -24.16 3.52
C5 NAG D . 3.44 -23.58 4.34
C6 NAG D . 4.32 -24.66 4.98
C7 NAG D . 1.26 -20.01 1.86
C8 NAG D . 0.76 -18.84 1.06
N2 NAG D . 1.81 -21.06 1.24
O3 NAG D . 0.40 -23.49 2.08
O4 NAG D . 1.36 -24.87 4.41
O5 NAG D . 4.33 -22.78 3.47
O6 NAG D . 4.87 -25.53 3.99
O7 NAG D . 1.15 -19.99 3.08
H1 NAG D . 3.28 -20.94 3.59
H2 NAG D . 2.87 -22.87 1.21
H3 NAG D . 1.07 -22.33 3.65
H4 NAG D . 2.65 -24.80 2.72
H5 NAG D . 3.05 -22.94 5.15
H61 NAG D . 3.71 -25.25 5.67
H62 NAG D . 5.13 -24.17 5.52
H81 NAG D . 1.61 -18.25 0.71
H82 NAG D . 0.16 -18.19 1.70
H83 NAG D . 0.11 -19.20 0.23
HN2 NAG D . 1.75 -21.11 0.25
HO3 NAG D . -0.12 -24.13 2.62
HO6 NAG D . 5.79 -25.77 4.25
C1 BMA D . 0.94 -26.25 3.98
C2 BMA D . 1.43 -27.25 5.05
C3 BMA D . 1.09 -28.66 4.60
C4 BMA D . -0.42 -28.73 4.39
C5 BMA D . -0.83 -27.70 3.34
C6 BMA D . -2.33 -27.77 3.10
O2 BMA D . 0.82 -26.96 6.30
O3 BMA D . 1.50 -29.61 5.58
O4 BMA D . -0.78 -30.04 3.97
O5 BMA D . -0.47 -26.36 3.78
O6 BMA D . -2.70 -26.97 1.96
H1 BMA D . 1.50 -26.46 3.06
H2 BMA D . 2.52 -27.16 5.15
H3 BMA D . 1.62 -28.86 3.65
H4 BMA D . -0.93 -28.51 5.35
H5 BMA D . -0.31 -27.92 2.40
H61 BMA D . -2.85 -27.39 3.99
H62 BMA D . -2.61 -28.82 2.93
HO2 BMA D . 1.47 -27.09 7.02
HO3 BMA D . 0.71 -29.96 6.05
HO4 BMA D . -0.62 -30.11 3.00
C1 MAN D . -4.14 -27.16 1.57
C2 MAN D . -4.46 -26.28 0.31
C3 MAN D . -4.40 -24.79 0.72
C4 MAN D . -5.40 -24.54 1.86
C5 MAN D . -5.04 -25.47 3.07
C6 MAN D . -6.03 -25.31 4.22
O2 MAN D . -5.75 -26.61 -0.21
O3 MAN D . -4.73 -23.97 -0.40
O4 MAN D . -5.31 -23.17 2.25
O5 MAN D . -5.07 -26.88 2.64
O6 MAN D . -5.56 -25.90 5.41
H1 MAN D . -4.18 -28.22 1.24
H2 MAN D . -3.69 -26.48 -0.47
H3 MAN D . -3.37 -24.55 1.04
H4 MAN D . -6.42 -24.75 1.51
H5 MAN D . -4.03 -25.21 3.45
H61 MAN D . -6.98 -25.79 3.94
H62 MAN D . -6.20 -24.23 4.41
HO2 MAN D . -6.04 -25.91 -0.83
HO3 MAN D . -4.30 -23.09 -0.30
HO4 MAN D . -5.26 -22.61 1.45
HO6 MAN D . -6.21 -25.72 6.13
CA CA E . 25.87 -12.15 -8.61
CA CA F . 30.40 -1.13 -14.04
CA CA G . 24.40 5.73 -24.25
CA CA H . 14.97 -20.43 -12.84
C1 NAG I . -9.19 17.79 -16.88
C2 NAG I . -8.45 18.79 -15.90
C3 NAG I . -9.44 19.15 -14.76
C4 NAG I . -10.70 19.80 -15.37
C5 NAG I . -11.36 18.81 -16.37
C6 NAG I . -12.54 19.44 -17.09
C7 NAG I . -6.02 18.46 -15.57
C8 NAG I . -5.59 19.61 -16.45
N2 NAG I . -7.28 18.09 -15.32
O3 NAG I . -8.81 20.09 -13.88
O4 NAG I . -11.61 20.10 -14.32
O5 NAG I . -10.38 18.43 -17.41
O6 NAG I . -12.13 20.57 -17.87
O7 NAG I . -5.14 17.78 -15.03
H1 NAG I . -9.48 16.88 -16.34
H2 NAG I . -8.17 19.68 -16.46
H3 NAG I . -9.69 18.24 -14.18
H4 NAG I . -10.41 20.73 -15.88
H5 NAG I . -11.70 17.91 -15.83
H61 NAG I . -13.29 19.78 -16.35
H62 NAG I . -12.99 18.70 -17.75
H81 NAG I . -6.05 20.55 -16.10
H82 NAG I . -5.93 19.44 -17.48
H83 NAG I . -4.49 19.67 -16.47
HN2 NAG I . -7.44 17.35 -14.68
HO3 NAG I . -8.48 19.62 -13.09
HO4 NAG I . -11.15 20.64 -13.63
HO6 NAG I . -12.86 20.82 -18.49
C1 NAG J . 8.97 -27.41 -10.18
C2 NAG J . 8.50 -28.65 -9.30
C3 NAG J . 9.72 -29.17 -8.50
C4 NAG J . 10.83 -29.61 -9.50
C5 NAG J . 11.22 -28.37 -10.36
C6 NAG J . 12.25 -28.69 -11.43
C7 NAG J . 6.16 -28.29 -8.64
C8 NAG J . 5.14 -27.81 -7.66
N2 NAG J . 7.46 -28.20 -8.35
O3 NAG J . 9.33 -30.30 -7.70
O4 NAG J . 11.95 -30.07 -8.76
O5 NAG J . 10.03 -27.85 -11.07
O6 NAG J . 11.76 -29.59 -12.42
O7 NAG J . 5.78 -28.75 -9.73
H1 NAG J . 9.33 -26.61 -9.53
H2 NAG J . 8.12 -29.44 -9.97
H3 NAG J . 10.09 -28.38 -7.84
H4 NAG J . 10.46 -30.43 -10.14
H5 NAG J . 11.63 -27.58 -9.71
H61 NAG J . 13.15 -29.13 -10.97
H62 NAG J . 12.53 -27.75 -11.94
H81 NAG J . 5.46 -26.89 -7.17
H82 NAG J . 5.02 -28.57 -6.87
H83 NAG J . 4.16 -27.70 -8.17
HN2 NAG J . 7.74 -27.92 -7.44
HO3 NAG J . 10.13 -30.83 -7.48
HO4 NAG J . 12.29 -29.36 -8.16
HO6 NAG J . 11.95 -30.52 -12.14
MN MN K . -13.90 -5.54 17.47
MN MN L . -12.03 -1.90 11.79
MN MN M . -9.38 -0.81 7.09
#